data_8FN1
#
_entry.id   8FN1
#
_cell.length_a   1.00
_cell.length_b   1.00
_cell.length_c   1.00
_cell.angle_alpha   90.00
_cell.angle_beta   90.00
_cell.angle_gamma   90.00
#
_symmetry.space_group_name_H-M   'P 1'
#
loop_
_entity.id
_entity.type
_entity.pdbx_description
1 polymer 'Neurotensin/neuromedin N'
2 polymer 'Neurotensin receptor type 1'
3 polymer 'Guanine nucleotide-binding protein G(o) subunit alpha'
4 polymer 'Guanine nucleotide-binding protein G(I)/G(S)/G(T) subunit beta-1'
5 polymer 'Guanine nucleotide-binding protein G(I)/G(S)/G(O) subunit gamma-2'
6 polymer scFv16
#
loop_
_entity_poly.entity_id
_entity_poly.type
_entity_poly.pdbx_seq_one_letter_code
_entity_poly.pdbx_strand_id
1 'polypeptide(L)' RRPYIL F
2 'polypeptide(L)'
;MHHHHHHHHHHSDLEVLFQGPLGSGATSESDTAGPNSDLDVNTDIYSKVLVTAIYLALFVVGTVGNSVTLFTLARKKSLQ
SLQSTVHYHLGSLALSDLLILLLAMPVELYNFIWVHHPWAFGDAGCRGYYFLRDACTYATALNVASLSVERYLAICHPFK
AKTLMSRSRTKKFISAIWLASALLAIPMLFTMGLQNRSADGTHPGGLVCTPIVDTATVKVVIQVNTFMSFLFPMLVISIL
NTVIANKLTVMVHQAAEQGRVCTVGTHNGLEHSTFNMTIEPGRVQALRHGVLVLRAVVIAFVVCWLPYHVRRLMFCYISD
EQWTTFLFDFYHYFYMLTNALFYASSAINPILYNLVSANFRQVFLSTLACLCPGWRHRRKKRPTFSRKPNSMSSNHAFST
SATRETLY
;
A
3 'polypeptide(L)'
;MGCTLSAEDKAAVERSKMIEKNLKEDGISAAKDVKLLLLGADNSGKSTIVKQMKIIHGGSGGSGGTTGIVETHFTFKNLH
FRLFDVGGQRSERKKWIHCFEDVTAIIFCVDLSDYNRMHESLMLFDSICNNKFFIDTSIILFLNKKDLFGEKIKKSPLTI
CFPEYTGPNTYEDAAAYIQAQFESKNRSPNKEIYCHMTCATDTNNAQVIFDAVTDIIIANNLRGCGLY
;
B
4 'polypeptide(L)'
;MHHHHHHLEVLFQGPGSSGSELDQLRQEAEQLKNQIRDARKACADATLSQITNNIDPVGRIQMRTRRTLRGHLAKIYAMH
WGTDSRLLVSASQDGKLIIWDSYTTNKVHAIPLRSSWVMTCAYAPSGNYVACGGLDNICSIYNLKTREGNVRVSRELAGH
TGYLSCCRFLDDNQIVTSSGDTTCALWDIETGQQTTTFTGHTGDVMSLSLAPDTRLFVSGACDASAKLWDVREGMCRQTF
TGHESDINAICFFPNGNAFATGSDDATCRLFDLRADQELMTYSHDNIICGITSVSFSKSGRLLLAGYDDFNCNVWDALKA
DRAGVLAGHDNRVSCLGVTDDGMAVATGSWDSFLKIWN
;
C
5 'polypeptide(L)' MASNNTASIAQARKLVEQLKMEANIDRIKVSKAAADLMAYCEAHAKEDPLLTPVPASENPFREKKFFCAIL D
6 'polypeptide(L)'
;DVQLVESGGGLVQPGGSRKLSCSASGFAFSSFGMHWVRQAPEKGLEWVAYISSGSGTIYYADTVKGRFTISRDDPKNTLF
LQMTSLRSEDTAMYYCVRSIYYYGSSPFDFWGQGTTLTVSSGGGGSGGGGSGGGGSDIVMTQATSSVPVTPGESVSISCR
SSKSLLHSNGNTYLYWFLQRPGQSPQLLIYRMSNLASGVPDRFSGSGSGTAFTLTISRLEAEDVGVYYCMQHLEYPLTFG
AGTKLELKAAALEVLFQGPHHHHHHHH
;
E
#
# COMPACT_ATOMS: atom_id res chain seq x y z
N ARG A 1 -18.15 -19.07 -61.67
CA ARG A 1 -17.60 -17.75 -61.44
C ARG A 1 -18.08 -17.24 -60.11
N ARG A 2 -17.15 -16.97 -59.21
CA ARG A 2 -17.49 -16.72 -57.84
C ARG A 2 -16.98 -15.42 -57.31
N PRO A 3 -17.51 -14.99 -56.18
CA PRO A 3 -17.10 -13.76 -55.56
C PRO A 3 -15.63 -13.78 -55.32
N TYR A 4 -15.02 -12.61 -55.27
CA TYR A 4 -13.59 -12.48 -54.97
C TYR A 4 -13.37 -11.85 -53.60
N ILE A 5 -14.42 -11.24 -53.06
CA ILE A 5 -14.37 -10.51 -51.80
C ILE A 5 -14.81 -11.38 -50.62
N LEU A 6 -13.90 -11.57 -49.67
CA LEU A 6 -14.18 -12.30 -48.44
C LEU A 6 -14.77 -11.37 -47.37
N ASN B 36 -13.06 -6.29 -69.37
CA ASN B 36 -13.63 -5.04 -68.91
C ASN B 36 -14.59 -5.28 -67.75
N SER B 37 -15.67 -6.00 -68.02
CA SER B 37 -16.68 -6.31 -67.03
C SER B 37 -16.44 -7.65 -66.35
N ASP B 38 -15.19 -8.08 -66.25
CA ASP B 38 -14.89 -9.38 -65.67
C ASP B 38 -15.36 -9.45 -64.22
N LEU B 39 -15.12 -8.38 -63.45
CA LEU B 39 -15.41 -8.37 -62.01
C LEU B 39 -16.42 -7.30 -61.64
N ASP B 40 -17.20 -6.81 -62.59
CA ASP B 40 -18.21 -5.80 -62.32
C ASP B 40 -19.57 -6.44 -62.06
N VAL B 41 -20.22 -6.01 -60.99
CA VAL B 41 -21.53 -6.52 -60.60
C VAL B 41 -22.50 -5.34 -60.60
N ASN B 42 -23.60 -5.48 -61.34
CA ASN B 42 -24.59 -4.40 -61.46
C ASN B 42 -25.64 -4.58 -60.37
N THR B 43 -25.35 -4.02 -59.20
CA THR B 43 -26.27 -4.06 -58.08
C THR B 43 -27.05 -2.75 -57.99
N ASP B 44 -28.25 -2.84 -57.41
CA ASP B 44 -29.15 -1.70 -57.38
C ASP B 44 -28.50 -0.51 -56.68
N ILE B 45 -28.67 0.68 -57.26
CA ILE B 45 -28.08 1.88 -56.68
C ILE B 45 -28.77 2.25 -55.38
N TYR B 46 -30.09 2.13 -55.32
CA TYR B 46 -30.81 2.52 -54.11
C TYR B 46 -30.40 1.69 -52.91
N SER B 47 -30.22 0.38 -53.10
CA SER B 47 -29.78 -0.48 -52.00
C SER B 47 -28.42 -0.04 -51.48
N LYS B 48 -27.50 0.38 -52.35
CA LYS B 48 -26.18 0.90 -51.87
C LYS B 48 -26.40 2.35 -51.42
N VAL B 49 -27.39 3.07 -51.91
CA VAL B 49 -27.74 4.43 -51.41
C VAL B 49 -28.17 4.22 -49.96
N LEU B 50 -28.90 3.12 -49.69
CA LEU B 50 -29.38 2.76 -48.33
C LEU B 50 -28.14 2.54 -47.47
N VAL B 51 -27.07 1.97 -48.04
CA VAL B 51 -25.82 1.74 -47.28
C VAL B 51 -25.32 3.11 -46.84
N THR B 52 -25.44 4.14 -47.67
CA THR B 52 -24.86 5.43 -47.26
C THR B 52 -25.63 5.76 -45.98
N ALA B 53 -26.93 5.52 -45.95
CA ALA B 53 -27.79 5.77 -44.77
C ALA B 53 -27.43 4.90 -43.55
N ILE B 54 -27.11 3.61 -43.72
CA ILE B 54 -26.92 2.67 -42.55
C ILE B 54 -25.51 2.71 -41.99
N TYR B 55 -24.44 2.57 -42.79
CA TYR B 55 -23.06 2.54 -42.35
C TYR B 55 -22.67 3.85 -41.68
N LEU B 56 -23.06 4.98 -42.25
CA LEU B 56 -22.75 6.26 -41.62
C LEU B 56 -23.40 6.36 -40.25
N ALA B 57 -24.67 5.95 -40.15
CA ALA B 57 -25.35 6.02 -38.86
C ALA B 57 -24.68 5.14 -37.83
N LEU B 58 -24.33 3.90 -38.21
CA LEU B 58 -23.66 3.00 -37.29
C LEU B 58 -22.29 3.53 -36.90
N PHE B 59 -21.56 4.10 -37.85
CA PHE B 59 -20.27 4.70 -37.53
C PHE B 59 -20.43 5.77 -36.46
N VAL B 60 -21.34 6.72 -36.69
CA VAL B 60 -21.54 7.79 -35.72
C VAL B 60 -21.92 7.23 -34.36
N VAL B 61 -22.93 6.36 -34.33
CA VAL B 61 -23.46 5.89 -33.06
C VAL B 61 -22.40 5.09 -32.30
N GLY B 62 -21.74 4.16 -32.99
CA GLY B 62 -20.74 3.35 -32.32
C GLY B 62 -19.55 4.15 -31.85
N THR B 63 -19.06 5.08 -32.69
CA THR B 63 -17.95 5.92 -32.26
C THR B 63 -18.33 6.71 -31.02
N VAL B 64 -19.51 7.32 -31.02
CA VAL B 64 -19.92 8.11 -29.85
C VAL B 64 -20.01 7.22 -28.62
N GLY B 65 -20.68 6.07 -28.75
CA GLY B 65 -20.85 5.20 -27.59
C GLY B 65 -19.53 4.72 -27.02
N ASN B 66 -18.64 4.24 -27.89
CA ASN B 66 -17.37 3.72 -27.42
C ASN B 66 -16.50 4.82 -26.84
N SER B 67 -16.48 6.01 -27.45
CA SER B 67 -15.69 7.10 -26.92
C SER B 67 -16.20 7.51 -25.54
N VAL B 68 -17.54 7.60 -25.39
CA VAL B 68 -18.10 7.95 -24.09
C VAL B 68 -17.74 6.89 -23.05
N THR B 69 -17.85 5.62 -23.43
CA THR B 69 -17.51 4.55 -22.48
C THR B 69 -16.05 4.64 -22.06
N LEU B 70 -15.16 4.82 -23.03
CA LEU B 70 -13.73 4.86 -22.71
C LEU B 70 -13.41 6.06 -21.83
N PHE B 71 -13.96 7.23 -22.14
CA PHE B 71 -13.69 8.41 -21.32
C PHE B 71 -14.25 8.25 -19.91
N THR B 72 -15.47 7.72 -19.80
CA THR B 72 -16.06 7.55 -18.48
C THR B 72 -15.25 6.56 -17.64
N LEU B 73 -14.85 5.44 -18.24
CA LEU B 73 -14.02 4.49 -17.52
C LEU B 73 -12.67 5.10 -17.15
N ALA B 74 -12.07 5.85 -18.06
CA ALA B 74 -10.79 6.49 -17.81
C ALA B 74 -10.98 7.92 -17.30
N SER B 84 -14.43 -3.31 -9.59
CA SER B 84 -12.99 -3.06 -9.56
C SER B 84 -12.36 -3.38 -10.91
N THR B 85 -12.40 -4.66 -11.29
CA THR B 85 -11.83 -5.10 -12.56
C THR B 85 -12.79 -4.98 -13.72
N VAL B 86 -14.07 -4.69 -13.47
CA VAL B 86 -15.03 -4.55 -14.57
C VAL B 86 -14.62 -3.42 -15.49
N HIS B 87 -14.07 -2.33 -14.93
CA HIS B 87 -13.73 -1.18 -15.75
C HIS B 87 -12.68 -1.52 -16.79
N TYR B 88 -11.67 -2.31 -16.42
CA TYR B 88 -10.64 -2.66 -17.38
C TYR B 88 -11.20 -3.49 -18.53
N HIS B 89 -12.04 -4.49 -18.23
CA HIS B 89 -12.61 -5.30 -19.29
C HIS B 89 -13.56 -4.48 -20.16
N LEU B 90 -14.36 -3.61 -19.55
CA LEU B 90 -15.25 -2.76 -20.33
C LEU B 90 -14.46 -1.84 -21.23
N GLY B 91 -13.35 -1.29 -20.73
CA GLY B 91 -12.49 -0.48 -21.57
C GLY B 91 -11.91 -1.27 -22.72
N SER B 92 -11.48 -2.51 -22.44
CA SER B 92 -10.95 -3.36 -23.50
C SER B 92 -11.98 -3.59 -24.59
N LEU B 93 -13.21 -3.96 -24.21
CA LEU B 93 -14.26 -4.18 -25.19
C LEU B 93 -14.57 -2.91 -25.95
N ALA B 94 -14.65 -1.79 -25.25
CA ALA B 94 -14.98 -0.52 -25.89
C ALA B 94 -13.89 -0.11 -26.88
N LEU B 95 -12.64 -0.27 -26.50
CA LEU B 95 -11.53 0.05 -27.40
C LEU B 95 -11.55 -0.86 -28.62
N SER B 96 -11.81 -2.16 -28.41
CA SER B 96 -11.88 -3.07 -29.53
C SER B 96 -12.98 -2.65 -30.51
N ASP B 97 -14.16 -2.34 -29.97
CA ASP B 97 -15.27 -1.92 -30.82
C ASP B 97 -14.97 -0.61 -31.55
N LEU B 98 -14.40 0.37 -30.85
CA LEU B 98 -14.06 1.63 -31.49
C LEU B 98 -13.03 1.44 -32.59
N LEU B 99 -11.98 0.68 -32.30
CA LEU B 99 -10.94 0.44 -33.30
C LEU B 99 -11.52 -0.24 -34.52
N ILE B 100 -12.29 -1.32 -34.32
CA ILE B 100 -12.84 -2.02 -35.47
C ILE B 100 -13.73 -1.09 -36.26
N LEU B 101 -14.61 -0.35 -35.59
CA LEU B 101 -15.53 0.51 -36.32
C LEU B 101 -14.77 1.55 -37.15
N LEU B 102 -13.89 2.31 -36.49
CA LEU B 102 -13.19 3.39 -37.18
C LEU B 102 -12.33 2.84 -38.31
N LEU B 103 -11.55 1.80 -38.05
CA LEU B 103 -10.64 1.26 -39.06
C LEU B 103 -11.40 0.68 -40.23
N ALA B 104 -12.50 -0.02 -39.99
CA ALA B 104 -13.14 -0.80 -41.05
C ALA B 104 -14.18 0.00 -41.82
N MET B 105 -14.74 1.06 -41.24
CA MET B 105 -15.79 1.81 -41.94
C MET B 105 -15.30 2.41 -43.24
N PRO B 106 -14.20 3.17 -43.28
CA PRO B 106 -13.79 3.78 -44.56
C PRO B 106 -13.36 2.76 -45.60
N VAL B 107 -12.53 1.78 -45.21
CA VAL B 107 -12.10 0.77 -46.15
C VAL B 107 -13.30 -0.01 -46.67
N GLU B 108 -14.23 -0.36 -45.78
CA GLU B 108 -15.44 -1.04 -46.21
C GLU B 108 -16.20 -0.21 -47.24
N LEU B 109 -16.42 1.07 -46.93
CA LEU B 109 -17.19 1.91 -47.85
C LEU B 109 -16.50 2.06 -49.18
N TYR B 110 -15.17 2.14 -49.18
CA TYR B 110 -14.43 2.40 -50.42
C TYR B 110 -14.28 1.13 -51.26
N ASN B 111 -13.55 0.14 -50.74
CA ASN B 111 -13.17 -1.02 -51.53
C ASN B 111 -14.24 -2.11 -51.59
N PHE B 112 -15.28 -2.02 -50.76
CA PHE B 112 -16.28 -3.08 -50.69
C PHE B 112 -17.69 -2.62 -51.01
N ILE B 113 -17.97 -1.31 -50.92
CA ILE B 113 -19.33 -0.83 -51.19
C ILE B 113 -19.43 -0.16 -52.54
N TRP B 114 -18.56 0.82 -52.81
CA TRP B 114 -18.67 1.63 -54.03
C TRP B 114 -17.50 1.42 -54.98
N VAL B 115 -16.27 1.59 -54.53
CA VAL B 115 -15.11 1.41 -55.40
C VAL B 115 -14.69 -0.05 -55.33
N HIS B 116 -15.33 -0.88 -56.15
CA HIS B 116 -15.08 -2.32 -56.07
C HIS B 116 -13.74 -2.70 -56.68
N HIS B 117 -13.29 -1.95 -57.68
CA HIS B 117 -12.08 -2.31 -58.42
C HIS B 117 -11.45 -1.06 -59.01
N PRO B 118 -10.11 -0.99 -59.08
CA PRO B 118 -9.11 -1.93 -58.55
C PRO B 118 -8.86 -1.67 -57.07
N TRP B 119 -8.42 -2.67 -56.31
CA TRP B 119 -8.08 -2.44 -54.91
C TRP B 119 -7.04 -1.33 -54.81
N ALA B 120 -7.42 -0.23 -54.18
CA ALA B 120 -6.61 0.98 -54.20
C ALA B 120 -5.53 1.01 -53.12
N PHE B 121 -5.52 0.07 -52.19
CA PHE B 121 -4.59 0.10 -51.06
C PHE B 121 -3.47 -0.91 -51.20
N GLY B 122 -3.30 -1.52 -52.37
CA GLY B 122 -2.16 -2.38 -52.60
C GLY B 122 -2.13 -3.61 -51.70
N ASP B 123 -1.12 -4.45 -51.94
CA ASP B 123 -1.05 -5.73 -51.22
C ASP B 123 -0.74 -5.53 -49.75
N ALA B 124 0.22 -4.65 -49.43
CA ALA B 124 0.54 -4.41 -48.03
C ALA B 124 -0.65 -3.82 -47.29
N GLY B 125 -1.34 -2.86 -47.91
CA GLY B 125 -2.52 -2.29 -47.29
C GLY B 125 -3.61 -3.32 -47.07
N CYS B 126 -3.82 -4.20 -48.05
CA CYS B 126 -4.83 -5.24 -47.89
C CYS B 126 -4.48 -6.18 -46.76
N ARG B 127 -3.21 -6.58 -46.68
CA ARG B 127 -2.79 -7.50 -45.63
C ARG B 127 -2.97 -6.85 -44.26
N GLY B 128 -2.58 -5.59 -44.12
CA GLY B 128 -2.80 -4.89 -42.86
C GLY B 128 -4.27 -4.81 -42.51
N TYR B 129 -5.10 -4.47 -43.51
CA TYR B 129 -6.54 -4.38 -43.28
C TYR B 129 -7.10 -5.69 -42.75
N TYR B 130 -6.82 -6.78 -43.46
CA TYR B 130 -7.37 -8.06 -43.04
C TYR B 130 -6.84 -8.50 -41.69
N PHE B 131 -5.54 -8.33 -41.43
CA PHE B 131 -5.01 -8.73 -40.15
C PHE B 131 -5.65 -7.95 -39.02
N LEU B 132 -5.77 -6.63 -39.19
CA LEU B 132 -6.36 -5.81 -38.13
C LEU B 132 -7.84 -6.16 -37.93
N ARG B 133 -8.57 -6.37 -39.02
CA ARG B 133 -9.98 -6.71 -38.89
C ARG B 133 -10.17 -8.02 -38.16
N ASP B 134 -9.42 -9.05 -38.55
CA ASP B 134 -9.55 -10.34 -37.89
C ASP B 134 -9.10 -10.26 -36.43
N ALA B 135 -8.01 -9.53 -36.15
CA ALA B 135 -7.56 -9.39 -34.78
C ALA B 135 -8.61 -8.68 -33.94
N CYS B 136 -9.28 -7.68 -34.51
CA CYS B 136 -10.32 -6.98 -33.78
C CYS B 136 -11.52 -7.89 -33.53
N THR B 137 -11.90 -8.72 -34.51
CA THR B 137 -13.00 -9.65 -34.28
C THR B 137 -12.67 -10.62 -33.15
N TYR B 138 -11.47 -11.19 -33.17
CA TYR B 138 -11.04 -12.06 -32.08
C TYR B 138 -11.02 -11.31 -30.75
N ALA B 139 -10.54 -10.06 -30.77
CA ALA B 139 -10.47 -9.29 -29.54
C ALA B 139 -11.85 -9.07 -28.94
N THR B 140 -12.82 -8.68 -29.78
CA THR B 140 -14.18 -8.49 -29.28
C THR B 140 -14.75 -9.79 -28.71
N ALA B 141 -14.62 -10.89 -29.44
CA ALA B 141 -15.18 -12.15 -28.94
C ALA B 141 -14.54 -12.54 -27.62
N LEU B 142 -13.21 -12.43 -27.53
CA LEU B 142 -12.51 -12.84 -26.32
C LEU B 142 -12.81 -11.92 -25.16
N ASN B 143 -13.01 -10.62 -25.43
CA ASN B 143 -13.41 -9.71 -24.37
C ASN B 143 -14.77 -10.08 -23.82
N VAL B 144 -15.72 -10.40 -24.70
CA VAL B 144 -17.04 -10.80 -24.21
C VAL B 144 -16.93 -12.07 -23.37
N ALA B 145 -16.18 -13.06 -23.85
CA ALA B 145 -16.04 -14.30 -23.10
C ALA B 145 -15.37 -14.07 -21.75
N SER B 146 -14.31 -13.27 -21.72
CA SER B 146 -13.61 -13.00 -20.46
C SER B 146 -14.50 -12.26 -19.49
N LEU B 147 -15.29 -11.31 -19.98
CA LEU B 147 -16.22 -10.59 -19.11
C LEU B 147 -17.27 -11.54 -18.54
N SER B 148 -17.76 -12.47 -19.36
CA SER B 148 -18.73 -13.44 -18.85
C SER B 148 -18.11 -14.32 -17.76
N VAL B 149 -16.88 -14.79 -17.98
CA VAL B 149 -16.22 -15.61 -16.97
C VAL B 149 -16.02 -14.82 -15.69
N GLU B 150 -15.61 -13.56 -15.84
CA GLU B 150 -15.41 -12.69 -14.65
C GLU B 150 -16.75 -12.61 -13.89
N ARG B 151 -17.84 -12.34 -14.61
CA ARG B 151 -19.14 -12.22 -13.95
C ARG B 151 -19.50 -13.50 -13.21
N TYR B 152 -19.30 -14.65 -13.84
CA TYR B 152 -19.63 -15.92 -13.19
C TYR B 152 -18.82 -16.08 -11.91
N LEU B 153 -17.52 -15.80 -11.99
CA LEU B 153 -16.68 -15.93 -10.80
C LEU B 153 -17.12 -14.97 -9.71
N ALA B 154 -17.46 -13.73 -10.09
CA ALA B 154 -17.84 -12.74 -9.10
C ALA B 154 -19.14 -13.11 -8.40
N ILE B 155 -20.11 -13.65 -9.13
CA ILE B 155 -21.45 -13.84 -8.61
C ILE B 155 -21.64 -15.22 -7.98
N CYS B 156 -21.36 -16.29 -8.73
CA CYS B 156 -21.66 -17.63 -8.25
C CYS B 156 -20.63 -18.17 -7.26
N HIS B 157 -19.45 -17.55 -7.17
CA HIS B 157 -18.44 -17.93 -6.20
C HIS B 157 -17.88 -16.66 -5.55
N PRO B 158 -18.71 -15.94 -4.81
CA PRO B 158 -18.27 -14.63 -4.30
C PRO B 158 -17.04 -14.68 -3.42
N PHE B 159 -16.93 -15.69 -2.56
CA PHE B 159 -15.82 -15.76 -1.62
C PHE B 159 -14.51 -16.09 -2.30
N LYS B 160 -14.53 -17.01 -3.27
CA LYS B 160 -13.34 -17.25 -4.07
C LYS B 160 -12.96 -16.02 -4.87
N ALA B 161 -13.96 -15.32 -5.43
CA ALA B 161 -13.68 -14.13 -6.23
C ALA B 161 -13.04 -13.03 -5.38
N LYS B 162 -13.45 -12.92 -4.12
CA LYS B 162 -12.91 -11.86 -3.26
C LYS B 162 -11.39 -11.89 -3.24
N THR B 163 -10.80 -13.08 -3.17
CA THR B 163 -9.35 -13.23 -3.06
C THR B 163 -8.66 -13.49 -4.39
N LEU B 164 -9.33 -14.15 -5.34
CA LEU B 164 -8.69 -14.50 -6.60
C LEU B 164 -8.54 -13.28 -7.51
N MET B 165 -9.46 -12.33 -7.43
CA MET B 165 -9.47 -11.20 -8.35
C MET B 165 -8.55 -10.09 -7.86
N SER B 166 -7.82 -9.49 -8.80
CA SER B 166 -6.95 -8.37 -8.51
C SER B 166 -6.78 -7.54 -9.78
N ARG B 167 -6.48 -6.25 -9.59
CA ARG B 167 -6.32 -5.36 -10.74
C ARG B 167 -5.17 -5.78 -11.62
N SER B 168 -4.02 -6.15 -11.03
CA SER B 168 -2.90 -6.60 -11.82
C SER B 168 -3.24 -7.88 -12.58
N ARG B 169 -3.94 -8.82 -11.96
CA ARG B 169 -4.30 -10.06 -12.63
C ARG B 169 -5.24 -9.81 -13.81
N THR B 170 -6.24 -8.93 -13.65
CA THR B 170 -7.12 -8.65 -14.78
C THR B 170 -6.39 -7.90 -15.88
N LYS B 171 -5.46 -7.01 -15.54
CA LYS B 171 -4.65 -6.37 -16.56
C LYS B 171 -3.84 -7.40 -17.34
N LYS B 172 -3.22 -8.35 -16.62
CA LYS B 172 -2.45 -9.39 -17.28
C LYS B 172 -3.34 -10.25 -18.18
N PHE B 173 -4.53 -10.59 -17.72
CA PHE B 173 -5.44 -11.42 -18.52
C PHE B 173 -5.89 -10.66 -19.77
N ILE B 174 -6.17 -9.37 -19.63
CA ILE B 174 -6.56 -8.57 -20.78
C ILE B 174 -5.44 -8.52 -21.80
N SER B 175 -4.20 -8.32 -21.33
CA SER B 175 -3.06 -8.34 -22.25
C SER B 175 -2.94 -9.69 -22.93
N ALA B 176 -3.13 -10.78 -22.18
CA ALA B 176 -3.02 -12.11 -22.75
C ALA B 176 -4.07 -12.35 -23.83
N ILE B 177 -5.31 -11.93 -23.58
CA ILE B 177 -6.35 -12.13 -24.59
C ILE B 177 -6.09 -11.25 -25.82
N TRP B 178 -5.59 -10.02 -25.63
CA TRP B 178 -5.23 -9.21 -26.78
C TRP B 178 -4.13 -9.89 -27.60
N LEU B 179 -3.12 -10.45 -26.92
CA LEU B 179 -2.05 -11.14 -27.63
C LEU B 179 -2.58 -12.36 -28.38
N ALA B 180 -3.48 -13.11 -27.76
CA ALA B 180 -4.07 -14.27 -28.42
C ALA B 180 -4.87 -13.84 -29.65
N SER B 181 -5.63 -12.75 -29.54
CA SER B 181 -6.36 -12.25 -30.69
C SER B 181 -5.42 -11.85 -31.81
N ALA B 182 -4.32 -11.17 -31.47
CA ALA B 182 -3.34 -10.81 -32.49
C ALA B 182 -2.74 -12.03 -33.15
N LEU B 183 -2.41 -13.06 -32.36
CA LEU B 183 -1.82 -14.27 -32.91
C LEU B 183 -2.80 -15.00 -33.84
N LEU B 184 -4.07 -15.06 -33.46
CA LEU B 184 -5.05 -15.82 -34.24
C LEU B 184 -5.22 -15.23 -35.64
N ALA B 185 -4.86 -13.96 -35.83
CA ALA B 185 -4.96 -13.34 -37.15
C ALA B 185 -3.68 -13.49 -37.96
N ILE B 186 -2.63 -14.07 -37.39
CA ILE B 186 -1.39 -14.25 -38.14
C ILE B 186 -1.60 -15.12 -39.37
N PRO B 187 -2.33 -16.24 -39.32
CA PRO B 187 -2.51 -17.06 -40.53
C PRO B 187 -3.09 -16.29 -41.70
N MET B 188 -4.05 -15.40 -41.46
CA MET B 188 -4.62 -14.63 -42.56
C MET B 188 -3.59 -13.77 -43.27
N LEU B 189 -2.46 -13.48 -42.63
CA LEU B 189 -1.40 -12.72 -43.31
C LEU B 189 -0.86 -13.47 -44.51
N PHE B 190 -0.99 -14.80 -44.53
CA PHE B 190 -0.45 -15.61 -45.62
C PHE B 190 -1.53 -16.15 -46.55
N THR B 191 -2.78 -16.22 -46.12
CA THR B 191 -3.85 -16.82 -46.91
C THR B 191 -4.58 -15.82 -47.78
N MET B 192 -4.25 -14.53 -47.69
CA MET B 192 -4.94 -13.51 -48.47
C MET B 192 -3.93 -12.54 -49.06
N GLY B 193 -4.26 -12.03 -50.24
CA GLY B 193 -3.37 -11.12 -50.94
C GLY B 193 -4.00 -10.66 -52.24
N LEU B 194 -3.26 -9.81 -52.94
CA LEU B 194 -3.72 -9.25 -54.21
C LEU B 194 -3.62 -10.28 -55.32
N GLN B 195 -4.46 -10.11 -56.35
CA GLN B 195 -4.42 -10.92 -57.55
C GLN B 195 -5.16 -10.17 -58.65
N ASN B 196 -4.62 -10.25 -59.86
CA ASN B 196 -5.27 -9.68 -61.03
C ASN B 196 -6.09 -10.77 -61.71
N ARG B 197 -7.40 -10.70 -61.55
CA ARG B 197 -8.33 -11.71 -62.04
C ARG B 197 -9.04 -11.24 -63.28
N SER B 198 -8.33 -10.50 -64.13
CA SER B 198 -8.90 -10.05 -65.39
C SER B 198 -9.07 -11.23 -66.35
N ALA B 199 -9.95 -11.06 -67.33
CA ALA B 199 -10.13 -12.10 -68.34
C ALA B 199 -8.83 -12.33 -69.10
N ASP B 200 -8.14 -11.26 -69.45
CA ASP B 200 -6.82 -11.36 -70.07
C ASP B 200 -5.75 -11.41 -68.97
N GLY B 201 -4.50 -11.58 -69.38
CA GLY B 201 -3.42 -11.65 -68.40
C GLY B 201 -3.27 -10.36 -67.60
N THR B 202 -3.42 -9.21 -68.27
CA THR B 202 -3.23 -7.91 -67.64
C THR B 202 -4.43 -7.02 -67.93
N HIS B 203 -4.86 -6.28 -66.92
CA HIS B 203 -5.95 -5.31 -67.07
C HIS B 203 -5.93 -4.34 -65.90
N PRO B 204 -6.02 -3.03 -66.14
CA PRO B 204 -5.97 -2.08 -65.01
C PRO B 204 -7.05 -2.32 -63.97
N GLY B 205 -8.27 -2.67 -64.38
CA GLY B 205 -9.39 -2.84 -63.48
C GLY B 205 -9.66 -4.26 -63.02
N GLY B 206 -8.82 -5.22 -63.39
CA GLY B 206 -9.01 -6.61 -63.02
C GLY B 206 -8.28 -7.05 -61.77
N LEU B 207 -7.86 -6.12 -60.92
CA LEU B 207 -7.09 -6.44 -59.72
C LEU B 207 -8.01 -6.33 -58.52
N VAL B 208 -8.01 -7.38 -57.68
CA VAL B 208 -8.75 -7.38 -56.43
C VAL B 208 -7.93 -8.15 -55.40
N CYS B 209 -8.23 -7.92 -54.13
CA CYS B 209 -7.58 -8.62 -53.03
C CYS B 209 -8.52 -9.69 -52.50
N THR B 210 -8.06 -10.94 -52.55
CA THR B 210 -8.87 -12.08 -52.14
C THR B 210 -7.94 -13.12 -51.52
N PRO B 211 -8.47 -14.25 -51.04
CA PRO B 211 -7.57 -15.33 -50.62
C PRO B 211 -6.68 -15.75 -51.78
N ILE B 212 -5.41 -16.01 -51.46
CA ILE B 212 -4.40 -16.30 -52.46
C ILE B 212 -3.96 -17.77 -52.39
N VAL B 213 -4.85 -18.65 -51.96
CA VAL B 213 -4.57 -20.06 -51.82
C VAL B 213 -5.75 -20.85 -52.35
N ASP B 214 -5.53 -22.14 -52.56
CA ASP B 214 -6.58 -23.02 -53.05
C ASP B 214 -7.51 -23.41 -51.90
N THR B 215 -8.56 -24.16 -52.21
CA THR B 215 -9.54 -24.54 -51.21
C THR B 215 -8.90 -25.24 -50.02
N ALA B 216 -7.80 -25.97 -50.27
CA ALA B 216 -7.18 -26.75 -49.20
C ALA B 216 -6.85 -25.89 -47.99
N THR B 217 -6.39 -24.66 -48.20
CA THR B 217 -6.06 -23.76 -47.11
C THR B 217 -7.21 -22.85 -46.72
N VAL B 218 -8.07 -22.48 -47.68
CA VAL B 218 -9.24 -21.67 -47.36
C VAL B 218 -10.11 -22.39 -46.34
N LYS B 219 -10.38 -23.68 -46.57
CA LYS B 219 -11.20 -24.43 -45.63
C LYS B 219 -10.61 -24.38 -44.23
N VAL B 220 -9.33 -24.70 -44.10
CA VAL B 220 -8.71 -24.78 -42.78
C VAL B 220 -8.75 -23.43 -42.08
N VAL B 221 -8.34 -22.37 -42.80
CA VAL B 221 -8.26 -21.06 -42.14
C VAL B 221 -9.65 -20.58 -41.75
N ILE B 222 -10.64 -20.71 -42.62
CA ILE B 222 -11.97 -20.22 -42.30
C ILE B 222 -12.58 -21.02 -41.17
N GLN B 223 -12.36 -22.35 -41.15
CA GLN B 223 -12.89 -23.15 -40.05
C GLN B 223 -12.25 -22.76 -38.73
N VAL B 224 -10.93 -22.54 -38.71
CA VAL B 224 -10.27 -22.13 -37.48
C VAL B 224 -10.82 -20.78 -37.00
N ASN B 225 -10.97 -19.83 -37.92
CA ASN B 225 -11.50 -18.52 -37.54
C ASN B 225 -12.92 -18.64 -37.00
N THR B 226 -13.76 -19.45 -37.65
CA THR B 226 -15.12 -19.61 -37.20
C THR B 226 -15.17 -20.21 -35.80
N PHE B 227 -14.33 -21.22 -35.55
CA PHE B 227 -14.30 -21.82 -34.21
C PHE B 227 -13.87 -20.80 -33.17
N MET B 228 -12.72 -20.15 -33.40
CA MET B 228 -12.15 -19.30 -32.37
C MET B 228 -12.96 -18.03 -32.13
N SER B 229 -13.58 -17.48 -33.17
CA SER B 229 -14.29 -16.21 -33.03
C SER B 229 -15.75 -16.39 -32.61
N PHE B 230 -16.41 -17.47 -33.04
CA PHE B 230 -17.83 -17.65 -32.78
C PHE B 230 -18.11 -18.84 -31.87
N LEU B 231 -17.67 -20.04 -32.22
CA LEU B 231 -18.20 -21.24 -31.57
C LEU B 231 -17.77 -21.32 -30.11
N PHE B 232 -16.46 -21.21 -29.84
CA PHE B 232 -15.99 -21.31 -28.46
C PHE B 232 -16.49 -20.16 -27.60
N PRO B 233 -16.31 -18.89 -28.00
CA PRO B 233 -16.94 -17.81 -27.24
C PRO B 233 -18.45 -17.92 -27.19
N MET B 234 -19.10 -18.41 -28.25
CA MET B 234 -20.54 -18.63 -28.17
C MET B 234 -20.88 -19.57 -27.02
N LEU B 235 -20.19 -20.72 -26.94
CA LEU B 235 -20.50 -21.68 -25.89
C LEU B 235 -20.22 -21.11 -24.51
N VAL B 236 -19.05 -20.48 -24.32
CA VAL B 236 -18.72 -19.94 -23.01
C VAL B 236 -19.74 -18.89 -22.60
N ILE B 237 -20.02 -17.92 -23.47
CA ILE B 237 -20.96 -16.86 -23.15
C ILE B 237 -22.33 -17.43 -22.83
N SER B 238 -22.85 -18.29 -23.71
CA SER B 238 -24.19 -18.82 -23.51
C SER B 238 -24.28 -19.61 -22.21
N ILE B 239 -23.36 -20.55 -21.98
CA ILE B 239 -23.45 -21.39 -20.79
C ILE B 239 -23.37 -20.54 -19.53
N LEU B 240 -22.35 -19.66 -19.44
CA LEU B 240 -22.17 -18.94 -18.19
C LEU B 240 -23.26 -17.91 -17.95
N ASN B 241 -23.68 -17.17 -19.00
CA ASN B 241 -24.76 -16.22 -18.82
C ASN B 241 -26.06 -16.92 -18.46
N THR B 242 -26.36 -18.06 -19.08
CA THR B 242 -27.56 -18.80 -18.71
C THR B 242 -27.50 -19.27 -17.26
N VAL B 243 -26.33 -19.74 -16.82
CA VAL B 243 -26.21 -20.21 -15.44
C VAL B 243 -26.40 -19.07 -14.45
N ILE B 244 -25.75 -17.93 -14.70
CA ILE B 244 -25.90 -16.79 -13.80
C ILE B 244 -27.36 -16.31 -13.78
N ALA B 245 -27.98 -16.27 -14.96
CA ALA B 245 -29.38 -15.85 -15.03
C ALA B 245 -30.27 -16.81 -14.26
N ASN B 246 -30.00 -18.11 -14.35
CA ASN B 246 -30.79 -19.07 -13.58
C ASN B 246 -30.63 -18.83 -12.09
N LYS B 247 -29.39 -18.64 -11.64
CA LYS B 247 -29.15 -18.42 -10.22
C LYS B 247 -29.87 -17.17 -9.73
N LEU B 248 -29.81 -16.08 -10.52
CA LEU B 248 -30.46 -14.84 -10.13
C LEU B 248 -31.98 -14.93 -10.21
N THR B 249 -32.52 -15.69 -11.16
CA THR B 249 -33.95 -15.93 -11.20
C THR B 249 -34.44 -16.76 -10.03
N VAL B 250 -33.58 -17.63 -9.50
CA VAL B 250 -33.92 -18.28 -8.23
C VAL B 250 -34.08 -17.24 -7.13
N MET B 251 -33.26 -16.19 -7.17
CA MET B 251 -33.35 -15.10 -6.20
C MET B 251 -33.09 -15.62 -4.80
N GLN B 285 -36.60 -6.15 -7.06
CA GLN B 285 -37.39 -5.88 -8.25
C GLN B 285 -36.49 -5.45 -9.40
N ALA B 286 -35.53 -4.57 -9.11
CA ALA B 286 -34.58 -4.15 -10.13
C ALA B 286 -33.69 -5.30 -10.59
N LEU B 287 -33.52 -6.33 -9.76
CA LEU B 287 -32.68 -7.45 -10.14
C LEU B 287 -33.10 -8.05 -11.47
N ARG B 288 -34.41 -8.07 -11.75
CA ARG B 288 -34.87 -8.58 -13.04
C ARG B 288 -34.14 -7.93 -14.19
N HIS B 289 -34.01 -6.59 -14.16
CA HIS B 289 -33.28 -5.89 -15.21
C HIS B 289 -31.91 -6.52 -15.40
N GLY B 290 -31.17 -6.71 -14.31
CA GLY B 290 -29.88 -7.35 -14.42
C GLY B 290 -29.94 -8.65 -15.20
N VAL B 291 -30.87 -9.53 -14.82
CA VAL B 291 -31.01 -10.78 -15.54
C VAL B 291 -31.21 -10.52 -17.02
N LEU B 292 -32.13 -9.61 -17.36
CA LEU B 292 -32.35 -9.29 -18.77
C LEU B 292 -31.03 -8.99 -19.45
N VAL B 293 -30.22 -8.12 -18.86
CA VAL B 293 -28.95 -7.76 -19.50
C VAL B 293 -28.17 -9.00 -19.87
N LEU B 294 -28.01 -9.92 -18.91
CA LEU B 294 -27.26 -11.13 -19.22
C LEU B 294 -27.86 -11.83 -20.42
N ARG B 295 -29.16 -12.11 -20.38
CA ARG B 295 -29.78 -12.78 -21.51
C ARG B 295 -29.52 -12.00 -22.79
N ALA B 296 -29.73 -10.68 -22.74
CA ALA B 296 -29.55 -9.87 -23.94
C ALA B 296 -28.18 -10.13 -24.57
N VAL B 297 -27.13 -10.17 -23.74
CA VAL B 297 -25.79 -10.29 -24.30
C VAL B 297 -25.69 -11.57 -25.13
N VAL B 298 -26.20 -12.68 -24.59
CA VAL B 298 -26.13 -13.91 -25.36
C VAL B 298 -26.79 -13.71 -26.72
N ILE B 299 -27.99 -13.13 -26.73
CA ILE B 299 -28.70 -12.91 -27.98
C ILE B 299 -27.81 -12.14 -28.96
N ALA B 300 -27.14 -11.10 -28.46
CA ALA B 300 -26.28 -10.32 -29.34
C ALA B 300 -25.25 -11.20 -30.02
N PHE B 301 -24.53 -12.01 -29.23
CA PHE B 301 -23.47 -12.81 -29.83
C PHE B 301 -24.06 -13.89 -30.71
N VAL B 302 -25.35 -14.19 -30.56
CA VAL B 302 -26.02 -15.13 -31.45
C VAL B 302 -26.51 -14.41 -32.70
N VAL B 303 -26.92 -13.15 -32.55
CA VAL B 303 -27.60 -12.46 -33.65
C VAL B 303 -26.59 -11.73 -34.53
N CYS B 304 -25.64 -11.04 -33.92
CA CYS B 304 -24.76 -10.17 -34.69
C CYS B 304 -23.57 -10.92 -35.27
N TRP B 305 -23.23 -12.08 -34.70
CA TRP B 305 -22.04 -12.81 -35.14
C TRP B 305 -22.35 -14.13 -35.83
N LEU B 306 -23.59 -14.60 -35.78
CA LEU B 306 -23.92 -15.82 -36.52
C LEU B 306 -24.06 -15.54 -38.02
N PRO B 307 -24.86 -14.56 -38.45
CA PRO B 307 -25.01 -14.37 -39.90
C PRO B 307 -23.72 -14.08 -40.62
N TYR B 308 -22.91 -13.15 -40.11
CA TYR B 308 -21.65 -12.79 -40.76
C TYR B 308 -20.86 -14.05 -41.10
N HIS B 309 -20.54 -14.85 -40.08
CA HIS B 309 -19.71 -16.02 -40.32
C HIS B 309 -20.32 -16.96 -41.34
N VAL B 310 -21.65 -17.05 -41.40
CA VAL B 310 -22.28 -17.92 -42.39
C VAL B 310 -21.77 -17.57 -43.79
N ARG B 311 -21.74 -16.28 -44.10
CA ARG B 311 -21.24 -15.85 -45.41
C ARG B 311 -19.87 -16.46 -45.68
N ARG B 312 -18.95 -16.35 -44.71
CA ARG B 312 -17.63 -16.91 -44.91
C ARG B 312 -17.71 -18.36 -45.34
N LEU B 313 -18.51 -19.17 -44.63
CA LEU B 313 -18.60 -20.58 -44.99
C LEU B 313 -19.04 -20.74 -46.43
N MET B 314 -20.05 -19.99 -46.86
CA MET B 314 -20.50 -20.11 -48.24
C MET B 314 -19.35 -19.83 -49.19
N PHE B 315 -18.58 -18.77 -48.92
CA PHE B 315 -17.51 -18.37 -49.84
C PHE B 315 -16.54 -19.52 -50.07
N CYS B 316 -16.48 -20.46 -49.13
CA CYS B 316 -15.55 -21.57 -49.25
C CYS B 316 -16.24 -22.83 -49.77
N TYR B 317 -17.54 -22.99 -49.47
CA TYR B 317 -18.17 -24.29 -49.70
C TYR B 317 -18.84 -24.37 -51.06
N ILE B 318 -19.27 -23.24 -51.62
CA ILE B 318 -19.92 -23.25 -52.93
C ILE B 318 -18.85 -23.35 -54.00
N SER B 319 -18.99 -24.34 -54.88
CA SER B 319 -18.04 -24.56 -55.96
C SER B 319 -18.49 -23.82 -57.22
N ASP B 320 -17.59 -23.77 -58.20
CA ASP B 320 -17.91 -23.09 -59.45
C ASP B 320 -19.13 -23.71 -60.12
N GLU B 321 -19.23 -25.04 -60.09
CA GLU B 321 -20.40 -25.71 -60.64
C GLU B 321 -21.65 -25.48 -59.80
N GLN B 322 -21.51 -25.03 -58.55
CA GLN B 322 -22.65 -24.76 -57.70
C GLN B 322 -23.09 -23.30 -57.73
N TRP B 323 -22.18 -22.38 -58.05
CA TRP B 323 -22.55 -20.97 -58.14
C TRP B 323 -23.52 -20.74 -59.28
N THR B 324 -24.33 -19.69 -59.15
CA THR B 324 -25.29 -19.27 -60.16
C THR B 324 -25.46 -17.77 -60.10
N THR B 325 -26.03 -17.20 -61.16
CA THR B 325 -26.20 -15.75 -61.22
C THR B 325 -27.00 -15.25 -60.02
N PHE B 326 -28.10 -15.93 -59.69
CA PHE B 326 -28.86 -15.57 -58.51
C PHE B 326 -27.99 -15.64 -57.27
N LEU B 327 -27.17 -16.68 -57.15
CA LEU B 327 -26.26 -16.78 -56.01
C LEU B 327 -25.24 -15.65 -56.02
N PHE B 328 -24.75 -15.27 -57.20
CA PHE B 328 -23.75 -14.20 -57.27
C PHE B 328 -24.31 -12.87 -56.79
N ASP B 329 -25.53 -12.53 -57.22
CA ASP B 329 -26.14 -11.29 -56.76
C ASP B 329 -26.51 -11.38 -55.27
N PHE B 330 -27.07 -12.50 -54.85
CA PHE B 330 -27.36 -12.71 -53.44
C PHE B 330 -26.12 -12.44 -52.61
N TYR B 331 -25.06 -13.20 -52.82
CA TYR B 331 -23.86 -13.06 -51.99
C TYR B 331 -23.54 -11.60 -51.73
N HIS B 332 -23.65 -10.75 -52.74
CA HIS B 332 -23.37 -9.33 -52.54
C HIS B 332 -24.39 -8.67 -51.61
N TYR B 333 -25.68 -8.85 -51.88
CA TYR B 333 -26.68 -8.22 -51.01
C TYR B 333 -26.60 -8.76 -49.58
N PHE B 334 -26.47 -10.08 -49.46
CA PHE B 334 -26.33 -10.71 -48.16
C PHE B 334 -25.07 -10.25 -47.46
N TYR B 335 -24.01 -9.96 -48.21
CA TYR B 335 -22.80 -9.40 -47.62
C TYR B 335 -23.11 -8.04 -47.02
N MET B 336 -23.86 -7.23 -47.77
CA MET B 336 -24.25 -5.93 -47.22
C MET B 336 -24.95 -6.11 -45.88
N LEU B 337 -25.93 -7.02 -45.84
CA LEU B 337 -26.69 -7.23 -44.60
C LEU B 337 -25.80 -7.76 -43.48
N THR B 338 -24.94 -8.73 -43.78
CA THR B 338 -24.11 -9.35 -42.75
C THR B 338 -23.13 -8.35 -42.16
N ASN B 339 -22.48 -7.56 -43.01
CA ASN B 339 -21.55 -6.55 -42.48
C ASN B 339 -22.29 -5.48 -41.71
N ALA B 340 -23.50 -5.12 -42.15
CA ALA B 340 -24.31 -4.20 -41.36
C ALA B 340 -24.52 -4.73 -39.96
N LEU B 341 -24.91 -6.00 -39.84
CA LEU B 341 -25.14 -6.58 -38.52
C LEU B 341 -23.86 -6.65 -37.70
N PHE B 342 -22.74 -7.00 -38.34
CA PHE B 342 -21.49 -7.09 -37.58
C PHE B 342 -21.06 -5.73 -37.05
N TYR B 343 -21.19 -4.67 -37.86
CA TYR B 343 -20.87 -3.34 -37.37
C TYR B 343 -21.84 -2.92 -36.27
N ALA B 344 -23.12 -3.27 -36.42
CA ALA B 344 -24.09 -2.98 -35.38
C ALA B 344 -23.70 -3.64 -34.06
N SER B 345 -23.09 -4.81 -34.12
CA SER B 345 -22.66 -5.47 -32.88
C SER B 345 -21.76 -4.55 -32.05
N SER B 346 -20.71 -4.03 -32.68
CA SER B 346 -19.79 -3.14 -31.96
C SER B 346 -20.46 -1.83 -31.61
N ALA B 347 -21.29 -1.29 -32.50
CA ALA B 347 -21.96 -0.04 -32.19
C ALA B 347 -22.90 -0.18 -30.99
N ILE B 348 -23.39 -1.40 -30.74
CA ILE B 348 -24.43 -1.60 -29.74
C ILE B 348 -23.84 -2.05 -28.40
N ASN B 349 -22.76 -2.83 -28.42
CA ASN B 349 -22.21 -3.37 -27.17
C ASN B 349 -22.00 -2.30 -26.09
N PRO B 350 -21.45 -1.13 -26.38
CA PRO B 350 -21.31 -0.11 -25.33
C PRO B 350 -22.62 0.23 -24.64
N ILE B 351 -23.71 0.35 -25.40
CA ILE B 351 -25.00 0.66 -24.79
C ILE B 351 -25.47 -0.47 -23.90
N LEU B 352 -25.36 -1.71 -24.38
CA LEU B 352 -25.84 -2.85 -23.60
C LEU B 352 -25.06 -3.01 -22.30
N TYR B 353 -23.74 -2.80 -22.34
CA TYR B 353 -22.94 -3.00 -21.15
C TYR B 353 -22.97 -1.80 -20.21
N ASN B 354 -23.17 -0.59 -20.74
CA ASN B 354 -23.26 0.58 -19.87
C ASN B 354 -24.63 0.66 -19.20
N LEU B 355 -25.68 0.21 -19.88
CA LEU B 355 -27.03 0.29 -19.34
C LEU B 355 -27.69 -1.08 -19.37
N LEU C 5 26.21 -2.68 -7.56
CA LEU C 5 25.89 -3.16 -6.23
C LEU C 5 27.04 -3.95 -5.62
N SER C 6 27.29 -3.72 -4.33
CA SER C 6 28.25 -4.52 -3.59
C SER C 6 27.58 -5.79 -3.11
N ALA C 7 28.39 -6.68 -2.51
CA ALA C 7 27.85 -7.94 -2.01
C ALA C 7 26.77 -7.69 -0.97
N GLU C 8 27.03 -6.78 -0.03
CA GLU C 8 26.06 -6.50 1.01
C GLU C 8 24.80 -5.85 0.47
N ASP C 9 24.91 -5.04 -0.59
CA ASP C 9 23.72 -4.47 -1.20
C ASP C 9 22.84 -5.55 -1.80
N LYS C 10 23.43 -6.52 -2.47
CA LYS C 10 22.66 -7.63 -3.03
C LYS C 10 22.02 -8.45 -1.91
N ALA C 11 22.75 -8.66 -0.82
CA ALA C 11 22.17 -9.38 0.31
C ALA C 11 20.97 -8.62 0.89
N ALA C 12 21.08 -7.30 0.98
CA ALA C 12 19.96 -6.50 1.45
C ALA C 12 18.76 -6.61 0.52
N VAL C 13 19.01 -6.62 -0.79
CA VAL C 13 17.92 -6.77 -1.74
C VAL C 13 17.23 -8.11 -1.57
N GLU C 14 18.01 -9.18 -1.37
CA GLU C 14 17.41 -10.50 -1.14
C GLU C 14 16.59 -10.50 0.14
N ARG C 15 17.09 -9.85 1.19
CA ARG C 15 16.33 -9.74 2.44
C ARG C 15 15.00 -9.02 2.20
N SER C 16 15.05 -7.93 1.44
CA SER C 16 13.82 -7.19 1.15
C SER C 16 12.82 -8.06 0.38
N LYS C 17 13.32 -8.85 -0.57
CA LYS C 17 12.43 -9.72 -1.32
C LYS C 17 11.78 -10.77 -0.43
N MET C 18 12.55 -11.34 0.50
CA MET C 18 11.95 -12.29 1.44
C MET C 18 10.89 -11.61 2.31
N ILE C 19 11.16 -10.39 2.75
CA ILE C 19 10.18 -9.65 3.54
C ILE C 19 8.90 -9.46 2.73
N GLU C 20 9.04 -9.10 1.46
CA GLU C 20 7.86 -8.93 0.61
C GLU C 20 7.10 -10.22 0.44
N LYS C 21 7.81 -11.35 0.30
CA LYS C 21 7.13 -12.64 0.20
C LYS C 21 6.30 -12.91 1.44
N ASN C 22 6.88 -12.67 2.62
CA ASN C 22 6.14 -12.90 3.86
C ASN C 22 4.93 -11.97 3.95
N LEU C 23 5.09 -10.71 3.57
CA LEU C 23 3.96 -9.78 3.59
C LEU C 23 2.84 -10.25 2.68
N LYS C 24 3.19 -10.72 1.48
CA LYS C 24 2.19 -11.21 0.54
C LYS C 24 1.46 -12.43 1.10
N GLU C 25 2.20 -13.36 1.72
CA GLU C 25 1.56 -14.52 2.31
C GLU C 25 0.59 -14.11 3.41
N ASP C 26 1.01 -13.18 4.28
CA ASP C 26 0.13 -12.72 5.34
C ASP C 26 -1.12 -12.06 4.77
N GLY C 27 -0.96 -11.24 3.73
CA GLY C 27 -2.11 -10.61 3.13
C GLY C 27 -3.08 -11.59 2.52
N ILE C 28 -2.55 -12.62 1.84
CA ILE C 28 -3.42 -13.65 1.26
C ILE C 28 -4.18 -14.36 2.37
N SER C 29 -3.50 -14.70 3.47
CA SER C 29 -4.17 -15.36 4.57
C SER C 29 -5.26 -14.47 5.17
N ALA C 30 -4.98 -13.18 5.31
CA ALA C 30 -5.91 -12.29 5.99
C ALA C 30 -7.12 -11.94 5.12
N ALA C 31 -6.95 -11.89 3.81
CA ALA C 31 -8.05 -11.50 2.94
C ALA C 31 -9.22 -12.49 2.99
N LYS C 32 -8.98 -13.71 3.47
CA LYS C 32 -10.03 -14.72 3.52
C LYS C 32 -11.02 -14.51 4.66
N ASP C 33 -10.75 -13.58 5.57
CA ASP C 33 -11.62 -13.36 6.72
C ASP C 33 -12.73 -12.37 6.38
N VAL C 34 -13.82 -12.46 7.13
CA VAL C 34 -14.94 -11.54 7.03
C VAL C 34 -14.88 -10.61 8.23
N LYS C 35 -14.90 -9.31 7.97
CA LYS C 35 -14.80 -8.31 9.03
C LYS C 35 -16.18 -7.70 9.27
N LEU C 36 -16.62 -7.72 10.53
CA LEU C 36 -17.92 -7.22 10.94
C LEU C 36 -17.74 -6.24 12.08
N LEU C 37 -18.46 -5.13 12.03
CA LEU C 37 -18.43 -4.13 13.09
C LEU C 37 -19.68 -4.30 13.95
N LEU C 38 -19.49 -4.60 15.22
CA LEU C 38 -20.58 -4.89 16.14
C LEU C 38 -20.90 -3.63 16.93
N LEU C 39 -22.10 -3.10 16.73
CA LEU C 39 -22.55 -1.87 17.37
C LEU C 39 -23.88 -2.09 18.08
N GLY C 40 -24.21 -1.18 18.97
CA GLY C 40 -25.44 -1.27 19.72
C GLY C 40 -25.34 -0.46 20.99
N ALA C 41 -26.39 -0.55 21.78
CA ALA C 41 -26.42 0.09 23.09
C ALA C 41 -25.87 -0.85 24.16
N ASP C 42 -25.59 -0.29 25.33
CA ASP C 42 -25.03 -1.07 26.42
C ASP C 42 -26.05 -2.08 26.93
N ASN C 43 -25.58 -3.28 27.25
CA ASN C 43 -26.43 -4.36 27.73
C ASN C 43 -27.53 -4.70 26.73
N SER C 44 -27.22 -4.52 25.45
CA SER C 44 -28.17 -4.76 24.38
C SER C 44 -28.05 -6.15 23.76
N GLY C 45 -27.22 -7.03 24.33
CA GLY C 45 -27.08 -8.38 23.84
C GLY C 45 -25.89 -8.61 22.94
N LYS C 46 -24.96 -7.65 22.83
CA LYS C 46 -23.81 -7.83 21.97
C LYS C 46 -22.97 -9.02 22.39
N SER C 47 -22.76 -9.19 23.70
CA SER C 47 -21.83 -10.19 24.19
C SER C 47 -22.29 -11.62 23.93
N THR C 48 -23.59 -11.85 23.70
CA THR C 48 -24.12 -13.20 23.52
C THR C 48 -24.75 -13.39 22.14
N ILE C 49 -24.32 -12.64 21.13
CA ILE C 49 -24.92 -12.76 19.80
C ILE C 49 -24.69 -14.15 19.23
N VAL C 50 -23.45 -14.65 19.33
CA VAL C 50 -23.10 -15.98 18.84
C VAL C 50 -22.55 -16.77 20.02
N LYS C 51 -23.19 -17.90 20.33
CA LYS C 51 -22.84 -18.65 21.53
C LYS C 51 -21.47 -19.30 21.43
N GLN C 52 -20.99 -19.56 20.21
CA GLN C 52 -19.67 -20.14 19.99
C GLN C 52 -18.59 -19.08 19.87
N MET C 53 -18.93 -17.81 20.08
CA MET C 53 -17.97 -16.73 19.90
C MET C 53 -16.77 -16.92 20.81
N LYS C 54 -15.58 -16.76 20.23
CA LYS C 54 -14.33 -16.84 20.97
C LYS C 54 -13.67 -15.46 21.00
N ILE C 55 -13.23 -15.07 22.20
CA ILE C 55 -12.59 -13.77 22.41
C ILE C 55 -11.12 -13.90 22.10
N ILE C 56 -10.62 -13.04 21.22
CA ILE C 56 -9.22 -13.07 20.84
C ILE C 56 -8.63 -11.66 20.93
N THR C 67 -11.27 -0.49 28.38
CA THR C 67 -10.55 -1.32 27.40
C THR C 67 -10.51 -0.64 26.04
N GLY C 68 -10.07 -1.37 25.02
CA GLY C 68 -10.00 -0.85 23.68
C GLY C 68 -11.02 -1.47 22.75
N ILE C 69 -10.54 -2.10 21.69
CA ILE C 69 -11.39 -2.80 20.73
C ILE C 69 -11.38 -4.27 21.10
N VAL C 70 -12.56 -4.84 21.36
CA VAL C 70 -12.68 -6.24 21.73
C VAL C 70 -12.94 -7.04 20.46
N GLU C 71 -11.99 -7.87 20.06
CA GLU C 71 -12.09 -8.62 18.82
C GLU C 71 -12.40 -10.08 19.14
N THR C 72 -13.47 -10.58 18.53
CA THR C 72 -13.86 -11.98 18.66
C THR C 72 -13.86 -12.63 17.28
N HIS C 73 -13.64 -13.94 17.26
CA HIS C 73 -13.54 -14.66 16.01
C HIS C 73 -14.31 -15.96 16.12
N PHE C 74 -14.83 -16.43 14.99
CA PHE C 74 -15.42 -17.75 14.95
C PHE C 74 -15.49 -18.23 13.50
N THR C 75 -15.31 -19.53 13.32
CA THR C 75 -15.28 -20.15 12.00
C THR C 75 -16.55 -20.96 11.79
N PHE C 76 -17.41 -20.48 10.88
CA PHE C 76 -18.74 -21.09 10.62
C PHE C 76 -18.96 -21.21 9.11
N LYS C 77 -19.38 -22.39 8.63
CA LYS C 77 -19.67 -22.64 7.19
C LYS C 77 -18.48 -22.31 6.28
N ASN C 78 -17.25 -22.69 6.65
CA ASN C 78 -16.02 -22.56 5.79
C ASN C 78 -15.38 -21.18 5.90
N LEU C 79 -16.04 -20.21 6.53
CA LEU C 79 -15.57 -18.84 6.60
C LEU C 79 -15.07 -18.50 8.00
N HIS C 80 -14.22 -17.49 8.07
CA HIS C 80 -13.69 -16.97 9.33
C HIS C 80 -14.29 -15.59 9.55
N PHE C 81 -15.02 -15.42 10.64
CA PHE C 81 -15.69 -14.16 10.97
C PHE C 81 -14.98 -13.48 12.12
N ARG C 82 -14.71 -12.19 11.94
CA ARG C 82 -14.11 -11.33 12.95
C ARG C 82 -15.10 -10.22 13.30
N LEU C 83 -15.44 -10.12 14.58
CA LEU C 83 -16.34 -9.09 15.10
C LEU C 83 -15.55 -8.14 15.99
N PHE C 84 -15.68 -6.85 15.73
CA PHE C 84 -14.95 -5.82 16.48
C PHE C 84 -15.96 -5.02 17.30
N ASP C 85 -16.04 -5.31 18.59
CA ASP C 85 -16.88 -4.55 19.51
C ASP C 85 -16.11 -3.30 19.95
N VAL C 86 -16.74 -2.15 19.79
CA VAL C 86 -16.14 -0.86 20.16
C VAL C 86 -17.08 -0.19 21.14
N GLY C 87 -16.90 -0.48 22.42
CA GLY C 87 -17.67 0.16 23.47
C GLY C 87 -16.76 0.70 24.56
N GLY C 88 -15.50 0.26 24.54
CA GLY C 88 -14.52 0.85 25.43
C GLY C 88 -14.03 2.19 24.93
N GLN C 89 -14.27 2.48 23.66
CA GLN C 89 -13.87 3.76 23.06
C GLN C 89 -14.96 4.79 23.34
N ARG C 90 -14.98 5.28 24.57
CA ARG C 90 -15.91 6.33 24.99
C ARG C 90 -15.35 7.68 24.57
N SER C 91 -15.28 7.87 23.25
CA SER C 91 -14.63 9.04 22.67
C SER C 91 -15.49 9.50 21.49
N GLU C 92 -14.93 10.39 20.68
CA GLU C 92 -15.62 10.93 19.51
C GLU C 92 -15.42 9.96 18.35
N ARG C 93 -16.52 9.32 17.92
CA ARG C 93 -16.41 8.29 16.88
C ARG C 93 -15.86 8.88 15.58
N LYS C 94 -16.15 10.15 15.30
CA LYS C 94 -15.80 10.72 14.00
C LYS C 94 -14.30 10.68 13.73
N LYS C 95 -13.48 10.33 14.73
CA LYS C 95 -12.03 10.37 14.58
C LYS C 95 -11.39 9.00 14.48
N TRP C 96 -12.14 7.93 14.74
CA TRP C 96 -11.59 6.58 14.54
C TRP C 96 -12.58 5.66 13.84
N ILE C 97 -13.82 6.12 13.63
CA ILE C 97 -14.81 5.27 12.99
C ILE C 97 -14.37 4.91 11.58
N HIS C 98 -13.68 5.81 10.89
CA HIS C 98 -13.25 5.53 9.51
C HIS C 98 -12.30 4.34 9.45
N CYS C 99 -11.70 3.96 10.57
CA CYS C 99 -10.87 2.76 10.58
C CYS C 99 -11.65 1.52 10.18
N PHE C 100 -12.97 1.53 10.32
CA PHE C 100 -13.82 0.39 9.98
C PHE C 100 -14.59 0.63 8.68
N GLU C 101 -14.08 1.49 7.81
CA GLU C 101 -14.77 1.79 6.57
C GLU C 101 -14.88 0.55 5.67
N ASP C 102 -13.90 -0.36 5.77
CA ASP C 102 -13.82 -1.51 4.88
C ASP C 102 -14.42 -2.76 5.50
N VAL C 103 -15.43 -2.62 6.35
CA VAL C 103 -16.06 -3.79 6.97
C VAL C 103 -17.13 -4.33 6.04
N THR C 104 -17.33 -5.65 6.09
CA THR C 104 -18.38 -6.27 5.29
C THR C 104 -19.76 -5.81 5.73
N ALA C 105 -19.99 -5.74 7.04
CA ALA C 105 -21.32 -5.37 7.53
C ALA C 105 -21.22 -4.85 8.95
N ILE C 106 -22.27 -4.13 9.35
CA ILE C 106 -22.44 -3.67 10.72
C ILE C 106 -23.57 -4.49 11.33
N ILE C 107 -23.30 -5.11 12.47
CA ILE C 107 -24.30 -5.85 13.23
C ILE C 107 -24.76 -4.95 14.37
N PHE C 108 -25.99 -4.45 14.26
CA PHE C 108 -26.55 -3.52 15.24
C PHE C 108 -27.51 -4.30 16.13
N CYS C 109 -27.21 -4.33 17.43
CA CYS C 109 -28.01 -5.07 18.39
C CYS C 109 -28.94 -4.12 19.14
N VAL C 110 -30.19 -4.52 19.28
CA VAL C 110 -31.21 -3.74 19.96
C VAL C 110 -31.97 -4.64 20.92
N ASP C 111 -32.22 -4.15 22.12
CA ASP C 111 -33.03 -4.86 23.12
C ASP C 111 -34.42 -4.26 23.12
N LEU C 112 -35.41 -5.06 22.70
CA LEU C 112 -36.77 -4.55 22.59
C LEU C 112 -37.36 -4.23 23.95
N SER C 113 -37.01 -5.00 24.98
CA SER C 113 -37.61 -4.84 26.30
C SER C 113 -37.16 -3.58 27.02
N ASP C 114 -36.17 -2.87 26.50
CA ASP C 114 -35.61 -1.69 27.14
C ASP C 114 -36.22 -0.45 26.49
N TYR C 115 -37.33 0.03 27.04
CA TYR C 115 -37.97 1.25 26.57
C TYR C 115 -37.17 2.49 26.93
N ASN C 116 -36.15 2.36 27.78
CA ASN C 116 -35.32 3.50 28.18
C ASN C 116 -34.17 3.76 27.21
N ARG C 117 -33.54 2.71 26.70
CA ARG C 117 -32.43 2.87 25.77
C ARG C 117 -32.88 3.29 24.38
N MET C 118 -34.10 2.97 23.97
CA MET C 118 -34.57 3.44 22.68
C MET C 118 -34.67 4.96 22.69
N HIS C 119 -34.52 5.54 21.50
CA HIS C 119 -34.27 6.95 21.26
C HIS C 119 -32.84 7.33 21.58
N GLU C 120 -32.06 6.42 22.16
CA GLU C 120 -30.60 6.45 22.11
C GLU C 120 -30.07 5.47 21.09
N SER C 121 -30.69 4.29 21.01
CA SER C 121 -30.38 3.35 19.95
C SER C 121 -30.87 3.85 18.60
N LEU C 122 -32.02 4.51 18.55
CA LEU C 122 -32.52 5.04 17.29
C LEU C 122 -31.62 6.15 16.76
N MET C 123 -31.20 7.07 17.65
CA MET C 123 -30.30 8.13 17.22
C MET C 123 -28.96 7.55 16.77
N LEU C 124 -28.46 6.54 17.47
CA LEU C 124 -27.21 5.91 17.07
C LEU C 124 -27.36 5.24 15.70
N PHE C 125 -28.49 4.58 15.46
CA PHE C 125 -28.74 3.96 14.17
C PHE C 125 -28.80 5.02 13.06
N ASP C 126 -29.44 6.14 13.34
CA ASP C 126 -29.49 7.22 12.36
C ASP C 126 -28.09 7.75 12.07
N SER C 127 -27.27 7.92 13.11
CA SER C 127 -25.93 8.45 12.91
C SER C 127 -25.07 7.49 12.09
N ILE C 128 -25.15 6.19 12.40
CA ILE C 128 -24.31 5.23 11.70
C ILE C 128 -24.79 5.06 10.25
N CYS C 129 -26.10 5.05 10.03
CA CYS C 129 -26.62 4.88 8.67
C CYS C 129 -26.20 6.03 7.76
N ASN C 130 -26.25 7.25 8.26
CA ASN C 130 -25.99 8.45 7.47
C ASN C 130 -24.54 8.91 7.56
N ASN C 131 -23.67 8.14 8.20
CA ASN C 131 -22.26 8.47 8.24
C ASN C 131 -21.67 8.35 6.85
N LYS C 132 -20.82 9.31 6.48
CA LYS C 132 -20.29 9.33 5.11
C LYS C 132 -19.45 8.11 4.79
N PHE C 133 -18.80 7.50 5.78
CA PHE C 133 -17.99 6.32 5.55
C PHE C 133 -18.80 5.04 5.38
N PHE C 134 -20.07 5.06 5.81
CA PHE C 134 -20.91 3.87 5.80
C PHE C 134 -22.17 4.07 4.97
N ILE C 135 -22.08 4.87 3.91
CA ILE C 135 -23.26 5.14 3.09
C ILE C 135 -23.69 3.89 2.36
N ASP C 136 -22.74 3.08 1.90
CA ASP C 136 -23.03 1.86 1.14
C ASP C 136 -22.69 0.59 1.92
N THR C 137 -22.69 0.65 3.25
CA THR C 137 -22.35 -0.49 4.09
C THR C 137 -23.62 -1.09 4.66
N SER C 138 -23.86 -2.36 4.38
CA SER C 138 -25.08 -3.01 4.83
C SER C 138 -25.10 -3.13 6.35
N ILE C 139 -26.29 -3.40 6.88
CA ILE C 139 -26.52 -3.45 8.32
C ILE C 139 -27.37 -4.68 8.63
N ILE C 140 -26.92 -5.46 9.60
CA ILE C 140 -27.65 -6.61 10.10
C ILE C 140 -28.21 -6.22 11.47
N LEU C 141 -29.53 -6.11 11.56
CA LEU C 141 -30.19 -5.61 12.75
C LEU C 141 -30.74 -6.80 13.53
N PHE C 142 -30.33 -6.90 14.79
CA PHE C 142 -30.84 -7.92 15.71
C PHE C 142 -31.78 -7.27 16.70
N LEU C 143 -33.03 -7.73 16.73
CA LEU C 143 -34.01 -7.29 17.71
C LEU C 143 -34.13 -8.42 18.74
N ASN C 144 -33.41 -8.29 19.84
CA ASN C 144 -33.26 -9.37 20.81
C ASN C 144 -34.36 -9.35 21.85
N LYS C 145 -34.38 -10.40 22.67
CA LYS C 145 -35.29 -10.50 23.82
C LYS C 145 -36.75 -10.33 23.39
N LYS C 146 -37.13 -11.02 22.32
CA LYS C 146 -38.50 -10.93 21.85
C LYS C 146 -39.48 -11.56 22.84
N ASP C 147 -39.07 -12.59 23.58
CA ASP C 147 -39.95 -13.18 24.59
C ASP C 147 -40.18 -12.24 25.76
N LEU C 148 -39.10 -11.62 26.26
CA LEU C 148 -39.24 -10.66 27.34
C LEU C 148 -40.10 -9.49 26.90
N PHE C 149 -39.89 -9.00 25.68
CA PHE C 149 -40.71 -7.91 25.17
C PHE C 149 -42.17 -8.33 25.05
N GLY C 150 -42.41 -9.57 24.60
CA GLY C 150 -43.78 -10.04 24.47
C GLY C 150 -44.48 -10.13 25.80
N GLU C 151 -43.78 -10.57 26.84
CA GLU C 151 -44.40 -10.63 28.16
C GLU C 151 -44.52 -9.25 28.80
N LYS C 152 -43.63 -8.32 28.42
CA LYS C 152 -43.68 -6.97 28.99
C LYS C 152 -44.79 -6.15 28.36
N ILE C 153 -45.04 -6.32 27.06
CA ILE C 153 -45.98 -5.49 26.34
C ILE C 153 -47.41 -5.68 26.81
N LYS C 154 -47.70 -6.76 27.54
CA LYS C 154 -49.06 -6.98 28.03
C LYS C 154 -49.52 -5.85 28.93
N LYS C 155 -48.61 -5.25 29.70
CA LYS C 155 -48.95 -4.21 30.66
C LYS C 155 -48.77 -2.80 30.10
N SER C 156 -47.68 -2.53 29.39
CA SER C 156 -47.42 -1.22 28.81
C SER C 156 -47.54 -1.31 27.30
N PRO C 157 -48.54 -0.68 26.68
CA PRO C 157 -48.81 -0.92 25.26
C PRO C 157 -47.92 -0.11 24.32
N LEU C 158 -46.62 -0.08 24.64
CA LEU C 158 -45.62 0.49 23.73
C LEU C 158 -45.71 2.01 23.64
N THR C 159 -46.71 2.62 24.28
CA THR C 159 -46.85 4.06 24.22
C THR C 159 -45.98 4.76 25.25
N ILE C 160 -45.38 4.03 26.18
CA ILE C 160 -44.42 4.64 27.10
C ILE C 160 -43.17 5.08 26.34
N CYS C 161 -42.84 4.40 25.24
CA CYS C 161 -41.69 4.73 24.42
C CYS C 161 -42.07 5.41 23.11
N PHE C 162 -43.22 5.08 22.54
CA PHE C 162 -43.67 5.62 21.25
C PHE C 162 -45.05 6.23 21.44
N PRO C 163 -45.13 7.49 21.86
CA PRO C 163 -46.45 8.11 22.07
C PRO C 163 -47.29 8.18 20.81
N GLU C 164 -46.67 8.22 19.64
CA GLU C 164 -47.42 8.35 18.39
C GLU C 164 -47.95 7.02 17.87
N TYR C 165 -47.68 5.91 18.56
CA TYR C 165 -48.12 4.61 18.09
C TYR C 165 -49.59 4.39 18.41
N THR C 166 -50.31 3.80 17.46
CA THR C 166 -51.69 3.38 17.65
C THR C 166 -51.88 2.03 16.98
N GLY C 167 -52.56 1.14 17.69
CA GLY C 167 -52.81 -0.19 17.19
C GLY C 167 -52.68 -1.24 18.27
N PRO C 168 -52.82 -2.51 17.89
CA PRO C 168 -52.72 -3.59 18.89
C PRO C 168 -51.38 -3.55 19.60
N ASN C 169 -51.42 -3.78 20.91
CA ASN C 169 -50.20 -3.84 21.72
C ASN C 169 -49.73 -5.28 21.91
N THR C 170 -49.97 -6.13 20.91
CA THR C 170 -49.49 -7.50 20.92
C THR C 170 -48.06 -7.55 20.38
N TYR C 171 -47.53 -8.77 20.26
CA TYR C 171 -46.15 -8.94 19.82
C TYR C 171 -45.97 -8.50 18.37
N GLU C 172 -46.82 -8.99 17.47
CA GLU C 172 -46.54 -8.87 16.05
C GLU C 172 -46.55 -7.41 15.60
N ASP C 173 -47.61 -6.68 15.91
CA ASP C 173 -47.73 -5.31 15.42
C ASP C 173 -46.69 -4.39 16.05
N ALA C 174 -46.43 -4.56 17.35
CA ALA C 174 -45.41 -3.73 17.99
C ALA C 174 -44.04 -4.01 17.42
N ALA C 175 -43.71 -5.28 17.18
CA ALA C 175 -42.43 -5.61 16.57
C ALA C 175 -42.32 -5.01 15.17
N ALA C 176 -43.42 -5.08 14.41
CA ALA C 176 -43.42 -4.48 13.08
C ALA C 176 -43.18 -2.98 13.15
N TYR C 177 -43.80 -2.32 14.13
CA TYR C 177 -43.62 -0.87 14.28
C TYR C 177 -42.18 -0.54 14.65
N ILE C 178 -41.57 -1.31 15.54
CA ILE C 178 -40.19 -1.05 15.93
C ILE C 178 -39.26 -1.23 14.72
N GLN C 179 -39.46 -2.31 13.97
CA GLN C 179 -38.65 -2.52 12.78
C GLN C 179 -38.85 -1.41 11.77
N ALA C 180 -40.09 -0.92 11.63
CA ALA C 180 -40.34 0.18 10.71
C ALA C 180 -39.63 1.44 11.16
N GLN C 181 -39.66 1.73 12.47
CA GLN C 181 -38.94 2.89 12.99
C GLN C 181 -37.46 2.79 12.69
N PHE C 182 -36.89 1.59 12.80
CA PHE C 182 -35.46 1.45 12.54
C PHE C 182 -35.13 1.50 11.05
N GLU C 183 -36.00 0.95 10.20
CA GLU C 183 -35.71 0.94 8.77
C GLU C 183 -36.00 2.28 8.11
N SER C 184 -36.81 3.13 8.75
CA SER C 184 -37.15 4.41 8.16
C SER C 184 -35.96 5.36 8.11
N LYS C 185 -34.86 5.05 8.78
CA LYS C 185 -33.68 5.90 8.80
C LYS C 185 -32.69 5.55 7.70
N ASN C 186 -33.00 4.57 6.87
CA ASN C 186 -32.18 4.22 5.71
C ASN C 186 -32.64 5.08 4.54
N ARG C 187 -31.74 5.90 3.99
CA ARG C 187 -32.04 6.79 2.87
C ARG C 187 -30.96 6.65 1.81
N SER C 188 -30.63 5.40 1.47
CA SER C 188 -29.60 5.14 0.48
C SER C 188 -29.90 3.84 -0.26
N PRO C 189 -30.00 3.88 -1.60
CA PRO C 189 -30.41 2.66 -2.33
C PRO C 189 -29.45 1.50 -2.18
N ASN C 190 -28.15 1.75 -2.04
CA ASN C 190 -27.14 0.70 -2.05
C ASN C 190 -26.99 0.02 -0.70
N LYS C 191 -27.77 0.44 0.30
CA LYS C 191 -27.69 -0.11 1.65
C LYS C 191 -28.93 -0.92 1.94
N GLU C 192 -28.75 -2.09 2.54
CA GLU C 192 -29.83 -2.97 2.94
C GLU C 192 -29.77 -3.21 4.44
N ILE C 193 -30.93 -3.35 5.06
CA ILE C 193 -31.04 -3.66 6.48
C ILE C 193 -31.68 -5.03 6.61
N TYR C 194 -30.97 -5.95 7.27
CA TYR C 194 -31.46 -7.29 7.52
C TYR C 194 -31.90 -7.36 8.98
N CYS C 195 -33.15 -7.77 9.20
CA CYS C 195 -33.71 -7.85 10.55
C CYS C 195 -33.98 -9.29 10.92
N HIS C 196 -33.52 -9.69 12.10
CA HIS C 196 -33.82 -11.01 12.64
C HIS C 196 -34.09 -10.87 14.12
N MET C 197 -35.24 -11.37 14.56
CA MET C 197 -35.67 -11.25 15.94
C MET C 197 -35.33 -12.53 16.69
N THR C 198 -34.52 -12.40 17.73
CA THR C 198 -33.98 -13.52 18.46
C THR C 198 -34.49 -13.49 19.90
N CYS C 199 -34.23 -14.58 20.61
CA CYS C 199 -34.43 -14.66 22.05
C CYS C 199 -33.10 -15.04 22.69
N ALA C 200 -33.13 -15.20 24.02
CA ALA C 200 -31.92 -15.61 24.72
C ALA C 200 -31.56 -17.06 24.41
N THR C 201 -32.54 -17.86 23.98
CA THR C 201 -32.34 -19.29 23.76
C THR C 201 -32.12 -19.65 22.31
N ASP C 202 -31.92 -18.67 21.43
CA ASP C 202 -31.66 -18.95 20.03
C ASP C 202 -30.19 -19.28 19.82
N THR C 203 -29.92 -20.45 19.23
CA THR C 203 -28.57 -20.91 18.99
C THR C 203 -28.17 -20.87 17.52
N ASN C 204 -28.91 -20.13 16.69
CA ASN C 204 -28.67 -20.12 15.25
C ASN C 204 -28.39 -18.72 14.72
N ASN C 205 -27.67 -17.89 15.47
CA ASN C 205 -27.35 -16.55 14.98
C ASN C 205 -26.20 -16.57 13.97
N ALA C 206 -25.28 -17.53 14.12
CA ALA C 206 -24.21 -17.67 13.14
C ALA C 206 -24.78 -17.90 11.75
N GLN C 207 -25.84 -18.71 11.65
CA GLN C 207 -26.47 -18.94 10.35
C GLN C 207 -27.03 -17.64 9.78
N VAL C 208 -27.65 -16.82 10.62
CA VAL C 208 -28.22 -15.56 10.15
C VAL C 208 -27.12 -14.65 9.63
N ILE C 209 -26.03 -14.51 10.39
CA ILE C 209 -24.93 -13.65 9.94
C ILE C 209 -24.33 -14.19 8.65
N PHE C 210 -24.18 -15.51 8.56
CA PHE C 210 -23.61 -16.12 7.35
C PHE C 210 -24.48 -15.83 6.13
N ASP C 211 -25.79 -16.02 6.27
CA ASP C 211 -26.69 -15.77 5.15
C ASP C 211 -26.66 -14.30 4.74
N ALA C 212 -26.72 -13.41 5.73
CA ALA C 212 -26.69 -11.98 5.42
C ALA C 212 -25.40 -11.59 4.72
N VAL C 213 -24.26 -12.12 5.18
CA VAL C 213 -22.99 -11.76 4.57
C VAL C 213 -22.90 -12.31 3.16
N THR C 214 -23.39 -13.53 2.94
CA THR C 214 -23.41 -14.09 1.59
C THR C 214 -24.21 -13.19 0.65
N ASP C 215 -25.41 -12.79 1.07
CA ASP C 215 -26.23 -11.93 0.23
C ASP C 215 -25.55 -10.58 -0.01
N ILE C 216 -24.93 -10.00 1.01
CA ILE C 216 -24.28 -8.70 0.85
C ILE C 216 -23.14 -8.80 -0.15
N ILE C 217 -22.33 -9.86 -0.05
CA ILE C 217 -21.21 -10.02 -0.96
C ILE C 217 -21.71 -10.22 -2.38
N ILE C 218 -22.78 -11.01 -2.55
CA ILE C 218 -23.32 -11.23 -3.88
C ILE C 218 -23.84 -9.93 -4.48
N ALA C 219 -24.53 -9.13 -3.67
CA ALA C 219 -25.04 -7.85 -4.16
C ALA C 219 -23.91 -6.92 -4.55
N ASN C 220 -22.85 -6.87 -3.73
CA ASN C 220 -21.72 -6.01 -4.06
C ASN C 220 -21.01 -6.47 -5.32
N ASN C 221 -20.87 -7.78 -5.52
CA ASN C 221 -20.28 -8.29 -6.75
C ASN C 221 -21.15 -7.98 -7.96
N LEU C 222 -22.47 -8.05 -7.82
CA LEU C 222 -23.34 -7.66 -8.91
C LEU C 222 -23.17 -6.19 -9.24
N ARG C 223 -23.07 -5.34 -8.22
CA ARG C 223 -22.85 -3.92 -8.48
C ARG C 223 -21.52 -3.70 -9.17
N GLY C 224 -20.48 -4.45 -8.76
CA GLY C 224 -19.20 -4.32 -9.43
C GLY C 224 -19.24 -4.75 -10.88
N CYS C 225 -19.91 -5.86 -11.17
CA CYS C 225 -19.99 -6.33 -12.55
C CYS C 225 -20.94 -5.49 -13.38
N GLY C 226 -21.68 -4.58 -12.75
CA GLY C 226 -22.57 -3.70 -13.47
C GLY C 226 -23.94 -4.25 -13.77
N LEU C 227 -24.21 -5.49 -13.40
CA LEU C 227 -25.52 -6.08 -13.63
C LEU C 227 -26.57 -5.42 -12.74
N GLU D 21 -18.65 30.14 45.39
CA GLU D 21 -19.71 30.65 44.52
C GLU D 21 -19.33 30.48 43.06
N LEU D 22 -20.06 29.60 42.36
CA LEU D 22 -19.72 29.30 40.98
C LEU D 22 -19.97 30.49 40.06
N ASP D 23 -20.98 31.31 40.36
CA ASP D 23 -21.23 32.48 39.53
C ASP D 23 -20.06 33.46 39.57
N GLN D 24 -19.50 33.70 40.75
CA GLN D 24 -18.34 34.57 40.86
C GLN D 24 -17.15 34.01 40.08
N LEU D 25 -16.94 32.70 40.15
CA LEU D 25 -15.85 32.10 39.38
C LEU D 25 -16.08 32.27 37.88
N ARG D 26 -17.32 32.09 37.43
CA ARG D 26 -17.61 32.28 36.01
C ARG D 26 -17.33 33.72 35.58
N GLN D 27 -17.76 34.68 36.40
CA GLN D 27 -17.52 36.09 36.07
C GLN D 27 -16.04 36.41 36.06
N GLU D 28 -15.28 35.85 37.01
CA GLU D 28 -13.84 36.09 37.04
C GLU D 28 -13.17 35.48 35.81
N ALA D 29 -13.62 34.29 35.39
CA ALA D 29 -13.08 33.69 34.18
C ALA D 29 -13.38 34.55 32.97
N GLU D 30 -14.59 35.10 32.88
CA GLU D 30 -14.92 35.99 31.77
C GLU D 30 -14.04 37.23 31.79
N GLN D 31 -13.81 37.80 32.97
CA GLN D 31 -12.95 38.99 33.06
C GLN D 31 -11.53 38.67 32.63
N LEU D 32 -11.01 37.52 33.04
CA LEU D 32 -9.65 37.14 32.62
C LEU D 32 -9.59 36.92 31.11
N LYS D 33 -10.62 36.29 30.54
CA LYS D 33 -10.63 36.11 29.09
C LYS D 33 -10.64 37.45 28.36
N ASN D 34 -11.43 38.40 28.86
CA ASN D 34 -11.46 39.73 28.25
C ASN D 34 -10.10 40.42 28.38
N GLN D 35 -9.46 40.27 29.54
CA GLN D 35 -8.12 40.84 29.73
C GLN D 35 -7.15 40.27 28.70
N ILE D 36 -7.15 38.94 28.53
CA ILE D 36 -6.24 38.31 27.59
C ILE D 36 -6.54 38.78 26.17
N ARG D 37 -7.82 38.89 25.82
CA ARG D 37 -8.21 39.34 24.49
C ARG D 37 -7.69 40.75 24.24
N ASP D 38 -7.87 41.65 25.20
CA ASP D 38 -7.40 43.02 25.04
C ASP D 38 -5.87 43.06 24.93
N ALA D 39 -5.18 42.25 25.73
CA ALA D 39 -3.72 42.22 25.65
C ALA D 39 -3.26 41.75 24.28
N ARG D 40 -3.88 40.69 23.75
CA ARG D 40 -3.50 40.21 22.43
C ARG D 40 -3.81 41.23 21.35
N LYS D 41 -4.93 41.95 21.49
CA LYS D 41 -5.29 42.94 20.49
C LYS D 41 -4.33 44.13 20.51
N ALA D 42 -3.88 44.54 21.70
CA ALA D 42 -2.97 45.66 21.80
C ALA D 42 -1.63 45.38 21.13
N CYS D 43 -1.22 44.12 21.09
CA CYS D 43 0.05 43.74 20.48
C CYS D 43 -0.04 43.59 18.96
N ALA D 44 -1.23 43.66 18.39
CA ALA D 44 -1.42 43.49 16.95
C ALA D 44 -1.24 44.84 16.24
N ASP D 45 0.00 45.33 16.27
CA ASP D 45 0.33 46.59 15.60
C ASP D 45 0.43 46.42 14.09
N ALA D 46 0.82 45.24 13.61
CA ALA D 46 0.95 45.00 12.19
C ALA D 46 0.67 43.53 11.92
N THR D 47 0.34 43.24 10.67
CA THR D 47 0.05 41.88 10.24
C THR D 47 1.27 41.30 9.51
N LEU D 48 1.34 39.96 9.50
CA LEU D 48 2.44 39.29 8.81
C LEU D 48 2.41 39.60 7.32
N SER D 49 1.20 39.80 6.77
CA SER D 49 1.09 40.15 5.36
C SER D 49 1.72 41.48 5.03
N GLN D 50 1.52 42.50 5.88
CA GLN D 50 2.12 43.81 5.62
C GLN D 50 3.63 43.78 5.76
N ILE D 51 4.14 43.15 6.82
CA ILE D 51 5.58 43.12 7.05
C ILE D 51 6.30 42.41 5.92
N THR D 52 5.78 41.26 5.50
CA THR D 52 6.37 40.50 4.40
C THR D 52 5.78 40.87 3.06
N ASN D 53 5.18 42.05 2.94
CA ASN D 53 4.56 42.44 1.68
C ASN D 53 5.59 42.56 0.57
N ASN D 54 6.73 43.19 0.87
CA ASN D 54 7.77 43.43 -0.13
C ASN D 54 8.84 42.35 -0.05
N ILE D 55 8.44 41.12 -0.36
CA ILE D 55 9.33 39.98 -0.36
C ILE D 55 9.09 39.21 -1.65
N ASP D 56 10.16 38.75 -2.28
CA ASP D 56 10.05 38.05 -3.55
C ASP D 56 9.34 36.72 -3.33
N PRO D 57 8.23 36.46 -4.02
CA PRO D 57 7.55 35.17 -3.84
C PRO D 57 8.36 34.02 -4.41
N VAL D 58 8.08 32.83 -3.88
CA VAL D 58 8.76 31.62 -4.32
C VAL D 58 8.29 31.16 -5.69
N GLY D 59 7.24 31.78 -6.24
CA GLY D 59 6.77 31.37 -7.55
C GLY D 59 6.17 29.98 -7.52
N ARG D 60 6.48 29.20 -8.56
CA ARG D 60 5.93 27.86 -8.73
C ARG D 60 6.99 26.86 -8.31
N ILE D 61 6.61 25.94 -7.43
CA ILE D 61 7.50 24.89 -6.93
C ILE D 61 6.98 23.56 -7.46
N GLN D 62 7.71 22.95 -8.38
CA GLN D 62 7.32 21.69 -9.00
C GLN D 62 8.20 20.59 -8.44
N MET D 63 7.59 19.70 -7.66
CA MET D 63 8.29 18.57 -7.07
C MET D 63 7.76 17.28 -7.68
N ARG D 64 8.66 16.35 -7.94
CA ARG D 64 8.34 15.13 -8.68
C ARG D 64 8.55 13.91 -7.81
N THR D 65 7.77 12.87 -8.08
CA THR D 65 7.87 11.63 -7.32
C THR D 65 9.15 10.90 -7.69
N ARG D 66 10.17 11.01 -6.84
CA ARG D 66 11.44 10.36 -7.05
C ARG D 66 11.48 8.93 -6.51
N ARG D 67 10.60 8.60 -5.56
CA ARG D 67 10.46 7.25 -5.06
C ARG D 67 9.00 6.96 -4.78
N THR D 68 8.63 5.69 -4.85
CA THR D 68 7.32 5.23 -4.44
C THR D 68 7.49 3.90 -3.72
N LEU D 69 7.14 3.87 -2.44
CA LEU D 69 7.38 2.71 -1.59
C LEU D 69 6.11 1.88 -1.54
N ARG D 70 6.22 0.62 -1.95
CA ARG D 70 5.10 -0.30 -2.01
C ARG D 70 5.33 -1.47 -1.07
N GLY D 71 4.23 -2.10 -0.64
CA GLY D 71 4.31 -3.23 0.25
C GLY D 71 3.21 -3.29 1.28
N HIS D 72 2.61 -2.15 1.62
CA HIS D 72 1.49 -2.15 2.53
C HIS D 72 0.22 -2.57 1.80
N LEU D 73 -0.55 -3.46 2.44
CA LEU D 73 -1.79 -3.98 1.86
C LEU D 73 -3.03 -3.37 2.51
N ALA D 74 -2.95 -2.11 2.93
CA ALA D 74 -4.06 -1.44 3.56
C ALA D 74 -3.73 0.04 3.70
N LYS D 75 -4.63 0.77 4.33
CA LYS D 75 -4.44 2.19 4.53
C LYS D 75 -3.24 2.45 5.43
N ILE D 76 -2.42 3.42 5.05
CA ILE D 76 -1.27 3.83 5.84
C ILE D 76 -1.69 5.00 6.71
N TYR D 77 -1.52 4.87 8.03
CA TYR D 77 -2.02 5.88 8.95
C TYR D 77 -0.94 6.78 9.52
N ALA D 78 0.31 6.30 9.60
CA ALA D 78 1.39 7.08 10.19
C ALA D 78 2.67 6.84 9.41
N MET D 79 3.61 7.77 9.56
CA MET D 79 4.89 7.70 8.89
C MET D 79 5.84 8.68 9.56
N HIS D 80 7.04 8.19 9.92
CA HIS D 80 8.02 9.04 10.57
C HIS D 80 9.38 8.81 9.93
N TRP D 81 10.18 9.87 9.87
CA TRP D 81 11.55 9.78 9.41
C TRP D 81 12.50 9.45 10.55
N GLY D 82 13.59 8.79 10.22
CA GLY D 82 14.72 8.73 11.12
C GLY D 82 15.51 10.01 11.09
N THR D 83 16.47 10.12 12.01
CA THR D 83 17.32 11.30 12.06
C THR D 83 18.43 11.28 11.02
N ASP D 84 18.68 10.15 10.39
CA ASP D 84 19.68 10.05 9.33
C ASP D 84 19.16 10.53 7.98
N SER D 85 17.88 10.86 7.89
CA SER D 85 17.24 11.34 6.66
C SER D 85 17.25 10.30 5.56
N ARG D 86 17.41 9.03 5.90
CA ARG D 86 17.39 7.93 4.93
C ARG D 86 16.43 6.82 5.31
N LEU D 87 16.30 6.52 6.60
CA LEU D 87 15.37 5.50 7.06
C LEU D 87 14.07 6.15 7.52
N LEU D 88 12.96 5.49 7.25
CA LEU D 88 11.67 5.94 7.76
C LEU D 88 10.84 4.75 8.18
N VAL D 89 9.81 5.01 8.98
CA VAL D 89 8.92 3.97 9.49
C VAL D 89 7.50 4.30 9.05
N SER D 90 6.73 3.26 8.72
CA SER D 90 5.35 3.40 8.28
C SER D 90 4.48 2.38 9.00
N ALA D 91 3.25 2.79 9.31
CA ALA D 91 2.30 1.96 10.03
C ALA D 91 1.04 1.80 9.20
N SER D 92 0.60 0.55 9.04
CA SER D 92 -0.60 0.29 8.26
C SER D 92 -1.57 -0.57 9.06
N GLN D 93 -2.84 -0.50 8.67
CA GLN D 93 -3.90 -1.26 9.31
C GLN D 93 -3.82 -2.75 9.03
N ASP D 94 -2.95 -3.17 8.12
CA ASP D 94 -2.75 -4.60 7.89
C ASP D 94 -1.92 -5.26 8.98
N GLY D 95 -1.69 -4.57 10.09
CA GLY D 95 -0.94 -5.13 11.20
C GLY D 95 0.56 -5.02 11.07
N LYS D 96 1.06 -4.19 10.15
CA LYS D 96 2.48 -4.15 9.84
C LYS D 96 3.07 -2.76 10.09
N LEU D 97 4.25 -2.78 10.70
CA LEU D 97 5.10 -1.61 10.87
C LEU D 97 6.38 -1.86 10.09
N ILE D 98 6.58 -1.13 9.01
CA ILE D 98 7.67 -1.39 8.06
C ILE D 98 8.70 -0.28 8.16
N ILE D 99 9.97 -0.67 8.10
CA ILE D 99 11.08 0.28 8.08
C ILE D 99 11.67 0.30 6.67
N TRP D 100 11.63 1.46 6.02
CA TRP D 100 12.06 1.63 4.66
C TRP D 100 13.39 2.35 4.58
N ASP D 101 14.25 1.89 3.68
CA ASP D 101 15.44 2.62 3.24
C ASP D 101 15.03 3.41 2.00
N SER D 102 14.91 4.72 2.15
CA SER D 102 14.36 5.54 1.08
C SER D 102 15.21 5.51 -0.18
N TYR D 103 16.54 5.52 -0.05
CA TYR D 103 17.39 5.61 -1.23
C TYR D 103 17.21 4.42 -2.15
N THR D 104 17.15 3.21 -1.59
CA THR D 104 17.06 1.99 -2.38
C THR D 104 15.68 1.36 -2.36
N THR D 105 14.75 1.91 -1.59
CA THR D 105 13.40 1.38 -1.42
C THR D 105 13.37 0.03 -0.75
N ASN D 106 14.51 -0.45 -0.24
CA ASN D 106 14.54 -1.75 0.40
C ASN D 106 13.81 -1.72 1.73
N LYS D 107 13.17 -2.84 2.06
CA LYS D 107 12.52 -3.01 3.34
C LYS D 107 13.54 -3.60 4.33
N VAL D 108 13.83 -2.86 5.39
CA VAL D 108 14.83 -3.28 6.35
C VAL D 108 14.23 -4.20 7.40
N HIS D 109 13.04 -3.85 7.91
CA HIS D 109 12.36 -4.67 8.90
C HIS D 109 10.86 -4.61 8.65
N ALA D 110 10.19 -5.73 8.93
CA ALA D 110 8.74 -5.79 8.97
C ALA D 110 8.34 -6.29 10.36
N ILE D 111 7.54 -5.50 11.07
CA ILE D 111 7.18 -5.79 12.46
C ILE D 111 5.70 -6.16 12.48
N PRO D 112 5.34 -7.39 12.83
CA PRO D 112 3.92 -7.72 12.99
C PRO D 112 3.39 -7.21 14.33
N LEU D 113 2.32 -6.45 14.27
CA LEU D 113 1.74 -5.84 15.46
C LEU D 113 0.72 -6.78 16.09
N ARG D 114 0.64 -6.71 17.42
CA ARG D 114 -0.35 -7.49 18.15
C ARG D 114 -1.76 -6.98 17.88
N SER D 115 -1.89 -5.69 17.60
CA SER D 115 -3.17 -5.08 17.24
C SER D 115 -3.01 -4.34 15.92
N SER D 116 -3.94 -4.56 15.00
CA SER D 116 -3.84 -3.98 13.67
C SER D 116 -4.46 -2.59 13.58
N TRP D 117 -4.99 -2.05 14.68
CA TRP D 117 -5.65 -0.75 14.67
C TRP D 117 -4.67 0.35 15.11
N VAL D 118 -3.69 0.58 14.26
CA VAL D 118 -2.59 1.49 14.54
C VAL D 118 -2.90 2.85 13.95
N MET D 119 -2.72 3.90 14.76
CA MET D 119 -2.96 5.27 14.33
C MET D 119 -1.75 6.18 14.44
N THR D 120 -0.61 5.67 14.89
CA THR D 120 0.59 6.48 15.05
C THR D 120 1.83 5.60 15.00
N CYS D 121 2.96 6.24 14.72
CA CYS D 121 4.26 5.58 14.80
C CYS D 121 5.33 6.66 14.97
N ALA D 122 6.41 6.30 15.65
CA ALA D 122 7.49 7.24 15.89
C ALA D 122 8.83 6.53 15.80
N TYR D 123 9.87 7.29 15.49
CA TYR D 123 11.25 6.76 15.31
C TYR D 123 12.13 7.47 16.33
N ALA D 124 12.83 6.71 17.16
CA ALA D 124 13.76 7.27 18.13
C ALA D 124 14.85 8.03 17.39
N PRO D 125 15.35 9.15 17.94
CA PRO D 125 16.45 9.85 17.27
C PRO D 125 17.68 8.99 17.05
N SER D 126 17.97 8.07 17.98
CA SER D 126 19.12 7.18 17.83
C SER D 126 18.89 6.08 16.81
N GLY D 127 17.63 5.74 16.52
CA GLY D 127 17.33 4.67 15.60
C GLY D 127 17.29 3.30 16.21
N ASN D 128 17.37 3.19 17.54
CA ASN D 128 17.36 1.87 18.17
C ASN D 128 15.96 1.38 18.47
N TYR D 129 14.99 2.28 18.54
CA TYR D 129 13.63 1.92 18.93
C TYR D 129 12.61 2.57 18.00
N VAL D 130 11.43 1.96 17.93
CA VAL D 130 10.28 2.56 17.27
C VAL D 130 9.08 2.45 18.21
N ALA D 131 8.11 3.32 18.01
CA ALA D 131 6.90 3.37 18.80
C ALA D 131 5.68 3.12 17.93
N CYS D 132 4.66 2.51 18.52
CA CYS D 132 3.42 2.22 17.82
C CYS D 132 2.27 2.37 18.81
N GLY D 133 1.09 2.68 18.30
CA GLY D 133 -0.06 2.82 19.18
C GLY D 133 -1.33 3.01 18.37
N GLY D 134 -2.45 2.84 19.05
CA GLY D 134 -3.74 3.02 18.38
C GLY D 134 -4.94 2.78 19.27
N LEU D 135 -5.93 2.05 18.75
CA LEU D 135 -7.18 1.83 19.46
C LEU D 135 -7.06 0.81 20.59
N ASP D 136 -5.89 0.19 20.76
CA ASP D 136 -5.67 -0.70 21.89
C ASP D 136 -5.26 0.05 23.15
N ASN D 137 -5.03 1.35 23.07
CA ASN D 137 -4.71 2.21 24.21
C ASN D 137 -3.35 1.90 24.81
N ILE D 138 -2.44 1.30 24.04
CA ILE D 138 -1.11 0.93 24.51
C ILE D 138 -0.09 1.47 23.52
N CYS D 139 0.98 2.05 24.04
CA CYS D 139 2.12 2.47 23.22
C CYS D 139 3.17 1.38 23.31
N SER D 140 3.33 0.63 22.23
CA SER D 140 4.30 -0.44 22.17
C SER D 140 5.62 0.08 21.64
N ILE D 141 6.69 -0.15 22.41
CA ILE D 141 8.04 0.26 22.05
C ILE D 141 8.79 -1.00 21.62
N TYR D 142 9.28 -0.98 20.38
CA TYR D 142 9.99 -2.09 19.77
C TYR D 142 11.47 -1.75 19.67
N ASN D 143 12.31 -2.74 19.99
CA ASN D 143 13.76 -2.59 20.00
C ASN D 143 14.32 -3.20 18.72
N LEU D 144 14.99 -2.36 17.91
CA LEU D 144 15.54 -2.80 16.65
C LEU D 144 16.96 -3.32 16.78
N LYS D 145 17.80 -2.63 17.56
CA LYS D 145 19.22 -2.99 17.68
C LYS D 145 19.39 -4.02 18.81
N THR D 146 19.00 -5.25 18.49
CA THR D 146 19.12 -6.36 19.42
C THR D 146 19.88 -7.50 18.78
N ARG D 147 20.52 -8.30 19.64
CA ARG D 147 21.00 -9.59 19.22
C ARG D 147 19.79 -10.48 18.90
N GLU D 148 20.06 -11.69 18.44
CA GLU D 148 19.01 -12.63 18.05
C GLU D 148 18.40 -12.27 16.71
N GLY D 149 18.78 -11.13 16.15
CA GLY D 149 18.47 -10.79 14.79
C GLY D 149 17.02 -10.42 14.52
N ASN D 150 16.18 -10.37 15.53
CA ASN D 150 14.75 -10.09 15.37
C ASN D 150 14.31 -8.94 16.25
N VAL D 151 13.39 -8.13 15.72
CA VAL D 151 12.81 -7.04 16.50
C VAL D 151 11.79 -7.62 17.47
N ARG D 152 11.86 -7.18 18.72
CA ARG D 152 10.98 -7.70 19.77
C ARG D 152 10.40 -6.52 20.55
N VAL D 153 9.22 -6.75 21.13
CA VAL D 153 8.53 -5.73 21.89
C VAL D 153 9.30 -5.46 23.18
N SER D 154 9.95 -4.29 23.24
CA SER D 154 10.65 -3.91 24.45
C SER D 154 9.70 -3.52 25.57
N ARG D 155 8.67 -2.76 25.26
CA ARG D 155 7.74 -2.27 26.28
C ARG D 155 6.33 -2.16 25.71
N GLU D 156 5.36 -2.21 26.62
CA GLU D 156 3.96 -1.93 26.31
C GLU D 156 3.44 -0.96 27.36
N LEU D 157 3.55 0.34 27.07
CA LEU D 157 3.14 1.39 28.00
C LEU D 157 1.62 1.48 27.98
N ALA D 158 1.00 1.24 29.13
CA ALA D 158 -0.45 1.29 29.29
C ALA D 158 -0.79 2.30 30.39
N GLY D 159 -2.05 2.74 30.38
CA GLY D 159 -2.51 3.74 31.31
C GLY D 159 -3.18 4.92 30.66
N HIS D 160 -3.63 4.74 29.41
CA HIS D 160 -4.44 5.71 28.70
C HIS D 160 -5.81 5.08 28.50
N THR D 161 -6.86 5.75 28.95
CA THR D 161 -8.23 5.26 28.79
C THR D 161 -8.86 5.84 27.52
N GLY D 162 -8.15 5.65 26.43
CA GLY D 162 -8.55 6.17 25.13
C GLY D 162 -7.44 5.90 24.14
N TYR D 163 -7.79 5.97 22.85
CA TYR D 163 -6.84 5.62 21.80
C TYR D 163 -5.70 6.61 21.76
N LEU D 164 -4.54 6.14 21.31
CA LEU D 164 -3.37 6.99 21.14
C LEU D 164 -3.38 7.62 19.75
N SER D 165 -3.23 8.93 19.69
CA SER D 165 -3.26 9.66 18.43
C SER D 165 -1.87 10.02 17.93
N CYS D 166 -0.96 10.41 18.82
CA CYS D 166 0.40 10.74 18.43
C CYS D 166 1.35 10.36 19.56
N CYS D 167 2.58 10.03 19.19
CA CYS D 167 3.63 9.71 20.15
C CYS D 167 4.96 10.16 19.58
N ARG D 168 5.84 10.66 20.45
CA ARG D 168 7.13 11.20 20.02
C ARG D 168 8.19 10.91 21.07
N PHE D 169 9.39 10.62 20.60
CA PHE D 169 10.52 10.34 21.50
C PHE D 169 11.24 11.62 21.87
N LEU D 170 11.40 11.85 23.17
CA LEU D 170 12.37 12.84 23.64
C LEU D 170 13.78 12.27 23.66
N ASP D 171 13.91 10.99 24.01
CA ASP D 171 15.18 10.28 24.01
C ASP D 171 14.87 8.79 23.99
N ASP D 172 15.89 7.97 24.25
CA ASP D 172 15.71 6.52 24.22
C ASP D 172 14.89 6.00 25.40
N ASN D 173 14.63 6.82 26.42
CA ASN D 173 13.90 6.37 27.59
C ASN D 173 12.76 7.30 28.00
N GLN D 174 12.43 8.29 27.18
CA GLN D 174 11.28 9.16 27.43
C GLN D 174 10.44 9.23 26.17
N ILE D 175 9.12 9.09 26.33
CA ILE D 175 8.20 9.20 25.21
C ILE D 175 6.96 9.99 25.63
N VAL D 176 6.52 10.89 24.77
CA VAL D 176 5.32 11.69 24.99
C VAL D 176 4.22 11.14 24.09
N THR D 177 3.04 10.96 24.66
CA THR D 177 1.89 10.45 23.94
C THR D 177 0.69 11.37 24.12
N SER D 178 -0.16 11.41 23.10
CA SER D 178 -1.46 12.08 23.17
C SER D 178 -2.53 11.02 22.96
N SER D 179 -3.66 11.17 23.65
CA SER D 179 -4.70 10.17 23.66
C SER D 179 -6.05 10.83 23.37
N GLY D 180 -7.02 10.00 23.05
CA GLY D 180 -8.38 10.45 22.83
C GLY D 180 -9.18 10.62 24.09
N ASP D 181 -8.56 10.43 25.25
CA ASP D 181 -9.19 10.67 26.55
C ASP D 181 -8.93 12.10 27.04
N THR D 182 -8.51 12.99 26.13
CA THR D 182 -8.29 14.40 26.39
C THR D 182 -6.99 14.66 27.12
N THR D 183 -6.15 13.65 27.35
CA THR D 183 -4.96 13.78 28.17
C THR D 183 -3.71 13.45 27.37
N CYS D 184 -2.61 14.13 27.70
CA CYS D 184 -1.29 13.79 27.22
C CYS D 184 -0.46 13.23 28.36
N ALA D 185 0.53 12.42 28.03
CA ALA D 185 1.33 11.75 29.04
C ALA D 185 2.79 11.75 28.64
N LEU D 186 3.66 11.78 29.64
CA LEU D 186 5.10 11.63 29.47
C LEU D 186 5.54 10.41 30.27
N TRP D 187 6.09 9.42 29.56
CA TRP D 187 6.43 8.11 30.11
C TRP D 187 7.94 7.90 30.11
N ASP D 188 8.42 7.22 31.15
CA ASP D 188 9.76 6.64 31.19
C ASP D 188 9.64 5.19 30.74
N ILE D 189 10.27 4.87 29.62
CA ILE D 189 10.07 3.56 29.00
C ILE D 189 10.57 2.45 29.91
N GLU D 190 11.73 2.64 30.52
CA GLU D 190 12.31 1.58 31.33
C GLU D 190 11.38 1.16 32.46
N THR D 191 10.92 2.14 33.25
CA THR D 191 10.01 1.82 34.36
C THR D 191 8.65 1.39 33.82
N GLY D 192 8.18 2.03 32.76
CA GLY D 192 6.85 1.77 32.24
C GLY D 192 5.75 2.55 32.92
N GLN D 193 6.07 3.68 33.54
CA GLN D 193 5.12 4.46 34.30
C GLN D 193 5.14 5.91 33.84
N GLN D 194 3.95 6.53 33.89
CA GLN D 194 3.84 7.93 33.48
C GLN D 194 4.59 8.81 34.47
N THR D 195 5.60 9.52 33.97
CA THR D 195 6.30 10.51 34.77
C THR D 195 5.59 11.85 34.81
N THR D 196 4.68 12.11 33.87
CA THR D 196 3.89 13.34 33.94
C THR D 196 2.59 13.16 33.17
N THR D 197 1.56 13.88 33.59
CA THR D 197 0.27 13.89 32.93
C THR D 197 -0.16 15.32 32.68
N PHE D 198 -0.44 15.65 31.42
CA PHE D 198 -0.86 16.98 31.00
C PHE D 198 -2.35 16.93 30.72
N THR D 199 -3.11 17.72 31.46
CA THR D 199 -4.56 17.78 31.35
C THR D 199 -4.99 19.23 31.17
N GLY D 200 -6.18 19.41 30.61
CA GLY D 200 -6.70 20.74 30.36
C GLY D 200 -7.50 20.82 29.08
N HIS D 201 -7.22 19.93 28.14
CA HIS D 201 -8.02 19.86 26.93
C HIS D 201 -9.41 19.31 27.24
N THR D 202 -10.40 19.82 26.53
CA THR D 202 -11.78 19.37 26.69
C THR D 202 -12.19 18.33 25.65
N GLY D 203 -11.44 18.20 24.56
CA GLY D 203 -11.69 17.19 23.58
C GLY D 203 -10.45 16.36 23.31
N ASP D 204 -10.64 15.28 22.58
CA ASP D 204 -9.55 14.35 22.32
C ASP D 204 -8.41 15.06 21.59
N VAL D 205 -7.18 14.81 22.06
CA VAL D 205 -5.98 15.42 21.50
C VAL D 205 -5.55 14.62 20.29
N MET D 206 -5.43 15.28 19.14
CA MET D 206 -5.20 14.61 17.87
C MET D 206 -3.74 14.63 17.42
N SER D 207 -3.00 15.70 17.69
CA SER D 207 -1.64 15.83 17.21
C SER D 207 -0.74 16.26 18.35
N LEU D 208 0.56 16.27 18.08
CA LEU D 208 1.57 16.53 19.09
C LEU D 208 2.88 16.86 18.39
N SER D 209 3.49 17.98 18.75
CA SER D 209 4.73 18.42 18.13
C SER D 209 5.73 18.80 19.20
N LEU D 210 6.88 18.11 19.22
CA LEU D 210 7.96 18.45 20.13
C LEU D 210 8.75 19.64 19.59
N ALA D 211 9.23 20.47 20.51
CA ALA D 211 10.03 21.62 20.11
C ALA D 211 11.43 21.18 19.70
N PRO D 212 12.13 22.02 18.93
CA PRO D 212 13.51 21.68 18.56
C PRO D 212 14.40 21.39 19.77
N ASP D 213 14.24 22.13 20.85
CA ASP D 213 15.00 21.90 22.07
C ASP D 213 14.41 20.81 22.95
N THR D 214 13.19 20.35 22.65
CA THR D 214 12.52 19.30 23.42
C THR D 214 12.38 19.72 24.88
N ARG D 215 12.14 21.01 25.09
CA ARG D 215 11.82 21.53 26.42
C ARG D 215 10.34 21.79 26.60
N LEU D 216 9.61 22.07 25.51
CA LEU D 216 8.18 22.24 25.56
C LEU D 216 7.60 21.74 24.24
N PHE D 217 6.30 21.43 24.24
CA PHE D 217 5.64 20.94 23.05
C PHE D 217 4.27 21.59 22.92
N VAL D 218 3.60 21.29 21.80
CA VAL D 218 2.28 21.83 21.49
C VAL D 218 1.35 20.68 21.16
N SER D 219 0.14 20.73 21.69
CA SER D 219 -0.87 19.71 21.45
C SER D 219 -2.17 20.35 21.01
N GLY D 220 -2.71 19.87 19.90
CA GLY D 220 -3.98 20.37 19.37
C GLY D 220 -5.06 19.32 19.53
N ALA D 221 -6.27 19.77 19.83
CA ALA D 221 -7.35 18.85 20.19
C ALA D 221 -8.59 19.17 19.37
N CYS D 222 -9.58 18.28 19.48
CA CYS D 222 -10.86 18.42 18.80
C CYS D 222 -11.71 19.54 19.37
N ASP D 223 -11.32 20.11 20.50
CA ASP D 223 -11.99 21.30 21.03
C ASP D 223 -11.62 22.56 20.27
N ALA D 224 -10.92 22.42 19.14
CA ALA D 224 -10.55 23.56 18.31
C ALA D 224 -9.55 24.47 19.02
N SER D 225 -8.61 23.87 19.74
CA SER D 225 -7.63 24.65 20.48
C SER D 225 -6.31 23.88 20.54
N ALA D 226 -5.25 24.66 20.69
CA ALA D 226 -3.89 24.14 20.87
C ALA D 226 -3.33 24.67 22.18
N LYS D 227 -2.49 23.87 22.82
CA LYS D 227 -1.93 24.22 24.11
C LYS D 227 -0.42 23.99 24.10
N LEU D 228 0.30 24.95 24.67
CA LEU D 228 1.75 24.88 24.82
C LEU D 228 2.07 24.36 26.22
N TRP D 229 2.82 23.27 26.28
CA TRP D 229 3.13 22.59 27.52
C TRP D 229 4.62 22.63 27.79
N ASP D 230 4.97 22.89 29.04
CA ASP D 230 6.34 22.81 29.53
C ASP D 230 6.58 21.39 30.01
N VAL D 231 7.44 20.67 29.31
CA VAL D 231 7.60 19.24 29.56
C VAL D 231 8.09 18.99 30.98
N ARG D 232 9.08 19.75 31.42
CA ARG D 232 9.67 19.50 32.74
C ARG D 232 8.70 19.86 33.86
N GLU D 233 8.02 21.02 33.77
CA GLU D 233 7.13 21.43 34.84
C GLU D 233 5.82 20.66 34.83
N GLY D 234 5.28 20.37 33.65
CA GLY D 234 4.00 19.69 33.57
C GLY D 234 2.81 20.62 33.66
N MET D 235 2.81 21.70 32.88
CA MET D 235 1.75 22.70 32.95
C MET D 235 1.56 23.33 31.58
N CYS D 236 0.38 23.91 31.38
CA CYS D 236 0.09 24.64 30.15
C CYS D 236 0.55 26.08 30.29
N ARG D 237 1.39 26.53 29.36
CA ARG D 237 1.88 27.90 29.37
C ARG D 237 0.97 28.86 28.61
N GLN D 238 0.46 28.44 27.44
CA GLN D 238 -0.39 29.28 26.62
C GLN D 238 -1.41 28.41 25.90
N THR D 239 -2.54 29.03 25.54
CA THR D 239 -3.61 28.36 24.83
C THR D 239 -4.03 29.21 23.65
N PHE D 240 -4.09 28.59 22.47
CA PHE D 240 -4.41 29.27 21.22
C PHE D 240 -5.73 28.74 20.69
N THR D 241 -6.63 29.65 20.33
CA THR D 241 -7.99 29.32 19.89
C THR D 241 -8.34 30.23 18.72
N GLY D 242 -8.17 29.73 17.50
CA GLY D 242 -8.59 30.45 16.32
C GLY D 242 -9.49 29.65 15.40
N HIS D 243 -9.38 28.32 15.47
CA HIS D 243 -10.07 27.45 14.54
C HIS D 243 -11.54 27.32 14.89
N GLU D 244 -12.33 26.97 13.87
CA GLU D 244 -13.75 26.70 14.08
C GLU D 244 -14.02 25.23 14.35
N SER D 245 -13.13 24.35 13.90
CA SER D 245 -13.31 22.91 14.01
C SER D 245 -12.04 22.28 14.57
N ASP D 246 -12.00 20.94 14.53
CA ASP D 246 -10.93 20.19 15.16
C ASP D 246 -9.58 20.49 14.52
N ILE D 247 -8.53 20.47 15.34
CA ILE D 247 -7.15 20.53 14.86
C ILE D 247 -6.63 19.12 14.73
N ASN D 248 -6.30 18.71 13.50
CA ASN D 248 -5.83 17.35 13.27
C ASN D 248 -4.32 17.23 13.16
N ALA D 249 -3.61 18.33 12.92
CA ALA D 249 -2.17 18.28 12.74
C ALA D 249 -1.56 19.53 13.33
N ILE D 250 -0.38 19.38 13.93
CA ILE D 250 0.39 20.50 14.46
C ILE D 250 1.87 20.27 14.14
N CYS D 251 2.57 21.35 13.81
CA CYS D 251 4.00 21.28 13.53
C CYS D 251 4.66 22.55 14.04
N PHE D 252 5.88 22.40 14.55
CA PHE D 252 6.64 23.53 15.05
C PHE D 252 7.42 24.20 13.92
N PHE D 253 7.44 25.53 13.94
CA PHE D 253 8.35 26.26 13.09
C PHE D 253 9.79 25.90 13.47
N PRO D 254 10.72 25.90 12.52
CA PRO D 254 12.06 25.38 12.82
C PRO D 254 12.74 26.04 14.00
N ASN D 255 12.48 27.31 14.28
CA ASN D 255 13.15 28.01 15.37
C ASN D 255 12.43 27.85 16.70
N GLY D 256 11.25 27.24 16.72
CA GLY D 256 10.52 27.04 17.95
C GLY D 256 9.77 28.25 18.48
N ASN D 257 9.77 29.36 17.74
CA ASN D 257 9.02 30.55 18.12
C ASN D 257 7.66 30.63 17.45
N ALA D 258 7.28 29.63 16.65
CA ALA D 258 5.98 29.61 16.02
C ALA D 258 5.63 28.17 15.69
N PHE D 259 4.35 27.94 15.41
CA PHE D 259 3.90 26.61 15.01
C PHE D 259 2.67 26.73 14.13
N ALA D 260 2.43 25.69 13.35
CA ALA D 260 1.33 25.67 12.39
C ALA D 260 0.39 24.51 12.68
N THR D 261 -0.90 24.77 12.51
CA THR D 261 -1.94 23.78 12.78
C THR D 261 -2.96 23.77 11.66
N GLY D 262 -3.41 22.58 11.29
CA GLY D 262 -4.42 22.42 10.26
C GLY D 262 -5.68 21.82 10.85
N SER D 263 -6.83 22.34 10.41
CA SER D 263 -8.11 21.94 11.00
C SER D 263 -9.00 21.33 9.94
N ASP D 264 -10.12 20.78 10.39
CA ASP D 264 -11.19 20.33 9.50
C ASP D 264 -11.93 21.48 8.83
N ASP D 265 -11.66 22.71 9.26
CA ASP D 265 -12.23 23.90 8.66
C ASP D 265 -11.65 24.20 7.28
N ALA D 266 -10.81 23.33 6.75
CA ALA D 266 -10.12 23.57 5.49
C ALA D 266 -9.19 24.77 5.58
N THR D 267 -8.52 24.92 6.71
CA THR D 267 -7.62 26.05 6.95
C THR D 267 -6.44 25.62 7.80
N CYS D 268 -5.29 26.18 7.49
CA CYS D 268 -4.12 26.11 8.35
C CYS D 268 -3.88 27.49 8.96
N ARG D 269 -3.25 27.50 10.14
CA ARG D 269 -3.00 28.74 10.85
C ARG D 269 -1.61 28.70 11.45
N LEU D 270 -0.94 29.85 11.44
CA LEU D 270 0.39 30.02 12.02
C LEU D 270 0.28 30.86 13.28
N PHE D 271 0.76 30.32 14.40
CA PHE D 271 0.70 30.99 15.69
C PHE D 271 2.11 31.31 16.17
N ASP D 272 2.26 32.49 16.75
CA ASP D 272 3.52 32.95 17.34
C ASP D 272 3.43 32.88 18.85
N LEU D 273 4.42 32.25 19.46
CA LEU D 273 4.39 32.01 20.90
C LEU D 273 4.67 33.28 21.70
N ARG D 274 5.40 34.23 21.13
CA ARG D 274 5.71 35.46 21.84
C ARG D 274 4.58 36.47 21.77
N ALA D 275 4.02 36.71 20.59
CA ALA D 275 2.86 37.58 20.46
C ALA D 275 1.58 36.91 20.97
N ASP D 276 1.60 35.60 21.20
CA ASP D 276 0.48 34.89 21.80
C ASP D 276 -0.80 35.09 20.99
N GLN D 277 -0.69 34.93 19.68
CA GLN D 277 -1.83 35.08 18.80
C GLN D 277 -1.48 34.53 17.42
N GLU D 278 -2.39 34.75 16.48
CA GLU D 278 -2.27 34.18 15.15
C GLU D 278 -1.64 35.18 14.19
N LEU D 279 -0.72 34.70 13.35
CA LEU D 279 -0.02 35.54 12.40
C LEU D 279 -0.57 35.44 10.99
N MET D 280 -0.95 34.25 10.53
CA MET D 280 -1.43 34.12 9.17
C MET D 280 -2.35 32.91 9.05
N THR D 281 -3.33 33.04 8.15
CA THR D 281 -4.24 31.96 7.78
C THR D 281 -3.95 31.53 6.35
N TYR D 282 -4.05 30.22 6.12
CA TYR D 282 -3.81 29.62 4.82
C TYR D 282 -5.07 28.85 4.44
N SER D 283 -5.85 29.43 3.54
CA SER D 283 -7.10 28.84 3.08
C SER D 283 -7.39 29.34 1.69
N HIS D 284 -8.10 28.52 0.91
CA HIS D 284 -8.51 28.91 -0.43
C HIS D 284 -9.99 28.61 -0.60
N ASP D 285 -10.66 29.44 -1.40
CA ASP D 285 -12.08 29.27 -1.61
C ASP D 285 -12.40 27.94 -2.29
N ASN D 286 -11.46 27.39 -3.05
CA ASN D 286 -11.66 26.12 -3.74
C ASN D 286 -11.24 24.92 -2.89
N ILE D 287 -10.87 25.16 -1.63
CA ILE D 287 -10.54 24.10 -0.68
C ILE D 287 -11.62 24.10 0.38
N ILE D 288 -12.34 22.98 0.50
CA ILE D 288 -13.44 22.88 1.44
C ILE D 288 -13.34 21.59 2.25
N CYS D 289 -12.18 20.94 2.17
CA CYS D 289 -11.99 19.64 2.80
C CYS D 289 -11.09 19.80 4.03
N GLY D 290 -10.83 18.69 4.70
CA GLY D 290 -10.05 18.70 5.91
C GLY D 290 -8.55 18.62 5.64
N ILE D 291 -7.78 19.02 6.66
CA ILE D 291 -6.33 18.96 6.63
C ILE D 291 -5.90 17.88 7.60
N THR D 292 -5.12 16.91 7.11
CA THR D 292 -4.70 15.79 7.91
C THR D 292 -3.28 15.89 8.45
N SER D 293 -2.43 16.70 7.80
CA SER D 293 -1.03 16.80 8.22
C SER D 293 -0.47 18.13 7.77
N VAL D 294 0.50 18.63 8.53
CA VAL D 294 1.23 19.86 8.20
C VAL D 294 2.71 19.64 8.51
N SER D 295 3.56 20.27 7.70
CA SER D 295 5.00 20.20 7.90
C SER D 295 5.63 21.45 7.29
N PHE D 296 6.74 21.87 7.88
CA PHE D 296 7.51 23.01 7.40
C PHE D 296 8.75 22.53 6.66
N SER D 297 9.29 23.40 5.82
CA SER D 297 10.58 23.14 5.20
C SER D 297 11.70 23.51 6.17
N LYS D 298 12.92 23.19 5.78
CA LYS D 298 14.06 23.42 6.67
C LYS D 298 14.22 24.89 6.99
N SER D 299 13.98 25.77 6.02
CA SER D 299 14.13 27.20 6.23
C SER D 299 12.87 27.85 6.80
N GLY D 300 11.74 27.15 6.83
CA GLY D 300 10.51 27.72 7.29
C GLY D 300 9.74 28.52 6.27
N ARG D 301 10.19 28.56 5.02
CA ARG D 301 9.52 29.36 4.01
C ARG D 301 8.39 28.61 3.32
N LEU D 302 8.44 27.28 3.32
CA LEU D 302 7.40 26.45 2.73
C LEU D 302 6.65 25.72 3.82
N LEU D 303 5.32 25.76 3.73
CA LEU D 303 4.45 25.00 4.62
C LEU D 303 3.69 23.98 3.77
N LEU D 304 3.92 22.70 4.04
CA LEU D 304 3.28 21.63 3.31
C LEU D 304 2.09 21.13 4.10
N ALA D 305 0.91 21.15 3.49
CA ALA D 305 -0.32 20.72 4.14
C ALA D 305 -0.93 19.60 3.33
N GLY D 306 -1.17 18.47 3.97
CA GLY D 306 -1.85 17.36 3.32
C GLY D 306 -3.34 17.43 3.54
N TYR D 307 -4.10 17.19 2.47
CA TYR D 307 -5.54 17.30 2.48
C TYR D 307 -6.18 15.96 2.16
N ASP D 308 -7.46 15.84 2.52
CA ASP D 308 -8.24 14.65 2.21
C ASP D 308 -8.92 14.74 0.85
N ASP D 309 -8.68 15.81 0.10
CA ASP D 309 -8.99 15.85 -1.32
C ASP D 309 -7.90 15.21 -2.17
N PHE D 310 -7.03 14.42 -1.54
CA PHE D 310 -6.12 13.50 -2.21
C PHE D 310 -4.86 14.17 -2.74
N ASN D 311 -4.60 15.42 -2.37
CA ASN D 311 -3.39 16.11 -2.80
C ASN D 311 -2.84 16.96 -1.65
N CYS D 312 -1.60 17.41 -1.81
CA CYS D 312 -0.92 18.26 -0.84
C CYS D 312 -0.73 19.64 -1.44
N ASN D 313 -0.79 20.67 -0.59
CA ASN D 313 -0.56 22.04 -1.01
C ASN D 313 0.70 22.58 -0.35
N VAL D 314 1.54 23.24 -1.16
CA VAL D 314 2.78 23.84 -0.70
C VAL D 314 2.55 25.35 -0.68
N TRP D 315 2.56 25.92 0.52
CA TRP D 315 2.22 27.31 0.77
C TRP D 315 3.47 28.12 1.06
N ASP D 316 3.43 29.38 0.65
CA ASP D 316 4.41 30.36 1.07
C ASP D 316 4.03 30.81 2.49
N ALA D 317 4.80 30.35 3.48
CA ALA D 317 4.47 30.61 4.86
C ALA D 317 4.45 32.10 5.19
N LEU D 318 5.15 32.91 4.42
CA LEU D 318 5.23 34.34 4.69
C LEU D 318 4.31 35.18 3.81
N LYS D 319 3.56 34.57 2.89
CA LYS D 319 2.69 35.31 2.00
C LYS D 319 1.32 34.67 1.79
N ALA D 320 1.05 33.51 2.39
CA ALA D 320 -0.24 32.83 2.27
C ALA D 320 -0.53 32.37 0.85
N ASP D 321 0.46 32.42 -0.04
CA ASP D 321 0.30 31.95 -1.40
C ASP D 321 0.41 30.44 -1.46
N ARG D 322 -0.12 29.86 -2.53
CA ARG D 322 0.01 28.43 -2.78
C ARG D 322 1.12 28.23 -3.81
N ALA D 323 2.34 28.00 -3.32
CA ALA D 323 3.48 27.86 -4.23
C ALA D 323 3.33 26.66 -5.14
N GLY D 324 2.72 25.59 -4.69
CA GLY D 324 2.65 24.40 -5.53
C GLY D 324 1.64 23.40 -5.01
N VAL D 325 1.50 22.32 -5.78
CA VAL D 325 0.58 21.23 -5.47
C VAL D 325 1.25 19.91 -5.78
N LEU D 326 1.09 18.95 -4.86
CA LEU D 326 1.57 17.58 -5.06
C LEU D 326 0.35 16.69 -5.23
N ALA D 327 0.16 16.22 -6.46
CA ALA D 327 -1.01 15.42 -6.82
C ALA D 327 -0.54 14.08 -7.39
N GLY D 328 -0.37 13.11 -6.49
CA GLY D 328 0.06 11.79 -6.89
C GLY D 328 -0.74 10.68 -6.26
N HIS D 329 -1.55 11.01 -5.27
CA HIS D 329 -2.24 10.01 -4.48
C HIS D 329 -3.69 9.86 -4.93
N ASP D 330 -4.16 8.61 -4.92
CA ASP D 330 -5.52 8.28 -5.31
C ASP D 330 -6.48 8.25 -4.12
N ASN D 331 -6.00 8.57 -2.93
CA ASN D 331 -6.85 8.58 -1.74
C ASN D 331 -6.30 9.59 -0.75
N ARG D 332 -6.90 9.61 0.43
CA ARG D 332 -6.59 10.63 1.43
C ARG D 332 -5.11 10.63 1.78
N VAL D 333 -4.53 11.83 1.84
CA VAL D 333 -3.16 11.98 2.33
C VAL D 333 -3.20 12.09 3.85
N SER D 334 -2.78 11.02 4.53
CA SER D 334 -2.93 10.91 5.97
C SER D 334 -1.67 11.25 6.75
N CYS D 335 -0.50 11.21 6.13
CA CYS D 335 0.74 11.48 6.84
C CYS D 335 1.72 12.19 5.91
N LEU D 336 2.52 13.08 6.50
CA LEU D 336 3.39 13.97 5.76
C LEU D 336 4.60 14.30 6.62
N GLY D 337 5.78 14.25 6.02
CA GLY D 337 7.00 14.50 6.76
C GLY D 337 8.08 15.08 5.87
N VAL D 338 9.00 15.82 6.49
CA VAL D 338 10.14 16.40 5.80
C VAL D 338 11.41 15.99 6.55
N THR D 339 12.44 15.62 5.78
CA THR D 339 13.68 15.14 6.39
C THR D 339 14.36 16.25 7.18
N ASP D 340 15.26 15.85 8.08
CA ASP D 340 15.95 16.82 8.91
C ASP D 340 16.84 17.74 8.08
N ASP D 341 17.32 17.26 6.95
CA ASP D 341 18.17 18.06 6.06
C ASP D 341 17.37 18.85 5.02
N GLY D 342 16.03 18.73 5.03
CA GLY D 342 15.22 19.48 4.11
C GLY D 342 15.30 19.00 2.67
N MET D 343 15.69 17.75 2.44
CA MET D 343 15.98 17.30 1.09
C MET D 343 14.75 16.70 0.41
N ALA D 344 13.98 15.89 1.12
CA ALA D 344 12.87 15.17 0.52
C ALA D 344 11.64 15.26 1.40
N VAL D 345 10.48 15.08 0.78
CA VAL D 345 9.19 15.09 1.45
C VAL D 345 8.55 13.73 1.27
N ALA D 346 8.11 13.13 2.38
CA ALA D 346 7.43 11.85 2.35
C ALA D 346 5.95 12.05 2.59
N THR D 347 5.14 11.50 1.69
CA THR D 347 3.70 11.54 1.81
C THR D 347 3.15 10.12 1.82
N GLY D 348 2.24 9.86 2.75
CA GLY D 348 1.54 8.59 2.81
C GLY D 348 0.05 8.82 2.68
N SER D 349 -0.65 7.77 2.28
CA SER D 349 -2.07 7.89 1.98
C SER D 349 -2.75 6.55 2.20
N TRP D 350 -4.08 6.59 2.19
CA TRP D 350 -4.89 5.40 2.32
C TRP D 350 -4.84 4.51 1.08
N ASP D 351 -4.20 4.98 0.00
CA ASP D 351 -4.00 4.17 -1.18
C ASP D 351 -2.93 3.10 -1.00
N SER D 352 -2.32 3.03 0.18
CA SER D 352 -1.35 2.00 0.53
C SER D 352 0.03 2.26 -0.06
N PHE D 353 0.32 3.50 -0.46
CA PHE D 353 1.60 3.83 -1.06
C PHE D 353 2.18 5.08 -0.40
N LEU D 354 3.51 5.09 -0.29
CA LEU D 354 4.26 6.27 0.12
C LEU D 354 4.99 6.83 -1.08
N LYS D 355 5.21 8.14 -1.07
CA LYS D 355 5.92 8.82 -2.14
C LYS D 355 6.94 9.78 -1.56
N ILE D 356 8.06 9.90 -2.24
CA ILE D 356 9.14 10.81 -1.86
C ILE D 356 9.27 11.85 -2.96
N TRP D 357 9.34 13.11 -2.56
CA TRP D 357 9.33 14.24 -3.48
C TRP D 357 10.56 15.11 -3.20
N ASN D 358 11.01 15.80 -4.24
CA ASN D 358 12.18 16.65 -4.13
C ASN D 358 12.15 17.75 -5.18
N GLN E 11 -14.15 23.61 41.79
CA GLN E 11 -14.41 23.10 40.45
C GLN E 11 -13.77 23.99 39.39
N ALA E 12 -14.27 25.22 39.28
CA ALA E 12 -13.78 26.16 38.30
C ALA E 12 -12.54 26.92 38.74
N ARG E 13 -12.06 26.67 39.97
CA ARG E 13 -10.85 27.36 40.43
C ARG E 13 -9.66 27.05 39.54
N LYS E 14 -9.59 25.83 39.01
CA LYS E 14 -8.49 25.48 38.12
C LYS E 14 -8.50 26.34 36.86
N LEU E 15 -9.68 26.53 36.27
CA LEU E 15 -9.78 27.36 35.06
C LEU E 15 -9.38 28.80 35.36
N VAL E 16 -9.82 29.35 36.49
CA VAL E 16 -9.48 30.72 36.83
C VAL E 16 -7.97 30.85 37.04
N GLU E 17 -7.37 29.90 37.76
CA GLU E 17 -5.92 29.98 37.99
C GLU E 17 -5.14 29.85 36.68
N GLN E 18 -5.59 28.96 35.79
CA GLN E 18 -4.91 28.82 34.50
C GLN E 18 -5.02 30.11 33.69
N LEU E 19 -6.20 30.73 33.69
CA LEU E 19 -6.36 31.99 32.96
C LEU E 19 -5.51 33.10 33.59
N LYS E 20 -5.38 33.09 34.91
CA LYS E 20 -4.52 34.05 35.57
C LYS E 20 -3.06 33.86 35.14
N MET E 21 -2.61 32.61 35.09
CA MET E 21 -1.24 32.35 34.64
C MET E 21 -1.04 32.77 33.19
N GLU E 22 -2.03 32.50 32.34
CA GLU E 22 -1.90 32.83 30.92
C GLU E 22 -2.08 34.32 30.64
N ALA E 23 -2.68 35.07 31.57
CA ALA E 23 -2.83 36.50 31.37
C ALA E 23 -1.56 37.26 31.77
N ASN E 24 -0.84 36.74 32.76
CA ASN E 24 0.40 37.37 33.22
C ASN E 24 1.58 36.80 32.43
N ILE E 25 1.58 37.10 31.14
CA ILE E 25 2.62 36.67 30.22
C ILE E 25 3.14 37.90 29.49
N ASP E 26 4.46 37.95 29.27
CA ASP E 26 5.09 39.08 28.61
C ASP E 26 5.06 38.87 27.11
N ARG E 27 4.31 39.71 26.41
CA ARG E 27 4.08 39.58 24.98
C ARG E 27 4.84 40.67 24.22
N ILE E 28 5.12 40.38 22.95
CA ILE E 28 5.80 41.31 22.07
C ILE E 28 4.84 41.66 20.93
N LYS E 29 5.15 42.74 20.23
CA LYS E 29 4.32 43.17 19.12
C LYS E 29 4.36 42.15 18.01
N VAL E 30 3.29 42.10 17.22
CA VAL E 30 3.23 41.18 16.09
C VAL E 30 4.28 41.54 15.04
N SER E 31 4.57 42.83 14.90
CA SER E 31 5.55 43.25 13.91
C SER E 31 6.92 42.66 14.20
N LYS E 32 7.34 42.66 15.46
CA LYS E 32 8.64 42.10 15.82
C LYS E 32 8.70 40.62 15.52
N ALA E 33 7.63 39.88 15.82
CA ALA E 33 7.61 38.44 15.57
C ALA E 33 7.62 38.15 14.08
N ALA E 34 6.87 38.92 13.30
CA ALA E 34 6.88 38.75 11.85
C ALA E 34 8.26 39.04 11.28
N ALA E 35 8.92 40.09 11.77
CA ALA E 35 10.27 40.39 11.32
C ALA E 35 11.23 39.26 11.69
N ASP E 36 11.07 38.68 12.88
CA ASP E 36 11.94 37.58 13.28
C ASP E 36 11.75 36.36 12.37
N LEU E 37 10.50 36.02 12.07
CA LEU E 37 10.26 34.89 11.16
C LEU E 37 10.83 35.18 9.78
N MET E 38 10.63 36.39 9.27
CA MET E 38 11.15 36.76 7.97
C MET E 38 12.67 36.66 7.94
N ALA E 39 13.32 37.15 8.99
CA ALA E 39 14.77 37.10 9.05
C ALA E 39 15.28 35.66 9.09
N TYR E 40 14.62 34.81 9.89
CA TYR E 40 15.04 33.42 9.95
C TYR E 40 14.88 32.74 8.59
N CYS E 41 13.78 33.03 7.90
CA CYS E 41 13.56 32.42 6.58
C CYS E 41 14.61 32.89 5.59
N GLU E 42 14.98 34.17 5.65
CA GLU E 42 15.96 34.69 4.69
C GLU E 42 17.36 34.17 5.00
N ALA E 43 17.70 34.00 6.28
CA ALA E 43 19.03 33.56 6.64
C ALA E 43 19.30 32.13 6.16
N HIS E 44 18.32 31.25 6.28
CA HIS E 44 18.47 29.85 5.94
C HIS E 44 17.91 29.52 4.56
N ALA E 45 17.61 30.51 3.74
CA ALA E 45 16.97 30.25 2.45
C ALA E 45 17.86 29.39 1.56
N LYS E 46 19.15 29.69 1.51
CA LYS E 46 20.06 28.96 0.64
C LYS E 46 20.28 27.51 1.09
N GLU E 47 20.03 27.20 2.36
CA GLU E 47 20.21 25.86 2.87
C GLU E 47 18.96 25.01 2.80
N ASP E 48 17.94 25.45 2.06
CA ASP E 48 16.69 24.71 1.95
C ASP E 48 16.62 24.06 0.58
N PRO E 49 16.81 22.74 0.46
CA PRO E 49 16.74 22.10 -0.86
C PRO E 49 15.43 22.29 -1.59
N LEU E 50 14.30 22.30 -0.88
CA LEU E 50 13.00 22.37 -1.54
C LEU E 50 12.79 23.69 -2.27
N LEU E 51 13.22 24.81 -1.69
CA LEU E 51 13.17 26.08 -2.41
C LEU E 51 14.14 26.09 -3.58
N THR E 52 15.38 25.67 -3.35
CA THR E 52 16.45 25.72 -4.33
C THR E 52 16.89 24.29 -4.63
N PRO E 53 16.41 23.68 -5.72
CA PRO E 53 16.80 22.30 -6.02
C PRO E 53 18.30 22.17 -6.19
N VAL E 54 18.84 21.07 -5.68
CA VAL E 54 20.27 20.78 -5.81
C VAL E 54 20.47 19.96 -7.09
N PRO E 55 21.66 19.96 -7.67
CA PRO E 55 21.87 19.19 -8.90
C PRO E 55 21.78 17.69 -8.64
N ALA E 56 21.64 16.94 -9.73
CA ALA E 56 21.52 15.49 -9.62
C ALA E 56 22.73 14.88 -8.93
N SER E 57 23.91 15.49 -9.07
CA SER E 57 25.10 14.97 -8.40
C SER E 57 25.01 15.10 -6.89
N GLU E 58 24.22 16.04 -6.38
CA GLU E 58 24.07 16.25 -4.95
C GLU E 58 22.78 15.68 -4.39
N ASN E 59 21.72 15.61 -5.19
CA ASN E 59 20.45 15.10 -4.71
C ASN E 59 20.55 13.59 -4.53
N PRO E 60 20.32 13.06 -3.32
CA PRO E 60 20.36 11.60 -3.15
C PRO E 60 19.19 10.87 -3.79
N PHE E 61 18.18 11.58 -4.27
CA PHE E 61 17.03 10.96 -4.92
C PHE E 61 16.99 11.37 -6.39
N VAL F 2 23.52 -16.19 22.50
CA VAL F 2 23.97 -16.59 21.18
C VAL F 2 25.04 -17.65 21.32
N GLN F 3 24.90 -18.74 20.58
CA GLN F 3 25.82 -19.87 20.70
C GLN F 3 25.83 -20.65 19.39
N LEU F 4 27.04 -20.90 18.88
CA LEU F 4 27.27 -21.78 17.74
C LEU F 4 28.24 -22.87 18.19
N VAL F 5 27.80 -24.11 18.11
CA VAL F 5 28.61 -25.25 18.55
C VAL F 5 28.90 -26.09 17.31
N GLU F 6 30.14 -26.06 16.85
CA GLU F 6 30.53 -26.90 15.72
C GLU F 6 30.83 -28.31 16.20
N SER F 7 30.63 -29.29 15.32
CA SER F 7 30.82 -30.69 15.65
C SER F 7 31.13 -31.45 14.38
N GLY F 8 31.61 -32.68 14.56
CA GLY F 8 32.14 -33.46 13.45
C GLY F 8 33.65 -33.55 13.55
N GLY F 9 34.30 -33.47 12.41
CA GLY F 9 35.74 -33.41 12.37
C GLY F 9 36.39 -34.68 12.89
N GLY F 10 37.67 -34.53 13.20
CA GLY F 10 38.49 -35.64 13.66
C GLY F 10 39.52 -36.02 12.61
N LEU F 11 39.93 -37.28 12.67
CA LEU F 11 40.99 -37.81 11.81
C LEU F 11 40.38 -38.58 10.65
N VAL F 12 40.78 -38.23 9.43
CA VAL F 12 40.31 -38.91 8.23
C VAL F 12 41.51 -39.16 7.31
N GLN F 13 41.34 -40.12 6.39
CA GLN F 13 42.39 -40.45 5.44
C GLN F 13 42.19 -39.68 4.14
N PRO F 14 43.26 -39.42 3.39
CA PRO F 14 43.11 -38.64 2.16
C PRO F 14 42.15 -39.32 1.19
N GLY F 15 41.36 -38.50 0.51
CA GLY F 15 40.38 -38.98 -0.44
C GLY F 15 39.05 -39.36 0.15
N GLY F 16 38.90 -39.32 1.47
CA GLY F 16 37.65 -39.66 2.13
C GLY F 16 36.65 -38.51 2.09
N SER F 17 35.67 -38.60 2.99
CA SER F 17 34.64 -37.58 3.10
C SER F 17 34.22 -37.45 4.55
N ARG F 18 33.71 -36.27 4.91
CA ARG F 18 33.27 -36.02 6.28
C ARG F 18 32.27 -34.89 6.28
N LYS F 19 31.32 -34.93 7.22
CA LYS F 19 30.32 -33.89 7.38
C LYS F 19 30.55 -33.14 8.67
N LEU F 20 30.63 -31.81 8.59
CA LEU F 20 30.69 -30.95 9.76
C LEU F 20 29.32 -30.31 9.98
N SER F 21 28.93 -30.19 11.25
CA SER F 21 27.60 -29.72 11.60
C SER F 21 27.70 -28.70 12.72
N CYS F 22 27.14 -27.52 12.50
CA CYS F 22 27.13 -26.45 13.50
C CYS F 22 25.70 -26.27 14.00
N SER F 23 25.52 -26.39 15.31
CA SER F 23 24.23 -26.22 15.95
C SER F 23 24.13 -24.81 16.49
N ALA F 24 23.02 -24.14 16.19
CA ALA F 24 22.82 -22.74 16.53
C ALA F 24 21.76 -22.62 17.61
N SER F 25 21.99 -21.72 18.56
CA SER F 25 21.05 -21.46 19.63
C SER F 25 21.13 -20.00 20.02
N GLY F 26 20.00 -19.48 20.51
CA GLY F 26 19.96 -18.14 21.05
C GLY F 26 19.74 -17.02 20.06
N PHE F 27 19.53 -17.34 18.79
CA PHE F 27 19.28 -16.28 17.80
C PHE F 27 18.40 -16.85 16.69
N ALA F 28 17.79 -15.93 15.94
CA ALA F 28 16.88 -16.26 14.84
C ALA F 28 17.70 -16.77 13.67
N PHE F 29 17.97 -18.07 13.69
CA PHE F 29 18.87 -18.68 12.71
C PHE F 29 18.42 -18.41 11.28
N SER F 30 17.14 -18.58 11.01
CA SER F 30 16.64 -18.48 9.63
C SER F 30 16.91 -17.10 9.02
N SER F 31 17.02 -16.07 9.84
CA SER F 31 17.20 -14.71 9.34
C SER F 31 18.66 -14.34 9.09
N PHE F 32 19.59 -15.26 9.31
CA PHE F 32 21.02 -15.01 9.14
C PHE F 32 21.57 -15.84 8.00
N GLY F 33 22.42 -15.23 7.19
CA GLY F 33 23.33 -15.99 6.35
C GLY F 33 24.48 -16.54 7.17
N MET F 34 25.10 -17.61 6.68
CA MET F 34 26.12 -18.32 7.41
C MET F 34 27.34 -18.57 6.54
N HIS F 35 28.51 -18.58 7.19
CA HIS F 35 29.80 -18.77 6.55
C HIS F 35 30.56 -19.88 7.24
N TRP F 36 31.34 -20.62 6.46
CA TRP F 36 32.37 -21.51 6.96
C TRP F 36 33.72 -20.91 6.62
N VAL F 37 34.56 -20.72 7.64
CA VAL F 37 35.88 -20.12 7.52
C VAL F 37 36.88 -21.03 8.22
N ARG F 38 37.94 -21.42 7.53
CA ARG F 38 38.90 -22.37 8.08
C ARG F 38 40.25 -21.71 8.31
N GLN F 39 40.93 -22.15 9.37
CA GLN F 39 42.24 -21.66 9.75
C GLN F 39 43.18 -22.84 9.84
N ALA F 40 44.24 -22.84 9.03
CA ALA F 40 45.19 -23.94 9.04
C ALA F 40 46.01 -23.89 10.34
N PRO F 41 46.68 -24.99 10.68
CA PRO F 41 47.29 -25.08 12.01
C PRO F 41 48.22 -23.94 12.37
N GLU F 42 49.00 -23.41 11.43
CA GLU F 42 49.95 -22.34 11.72
C GLU F 42 49.81 -21.20 10.71
N LYS F 43 48.63 -21.02 10.14
CA LYS F 43 48.39 -20.00 9.14
C LYS F 43 47.19 -19.15 9.56
N GLY F 44 46.74 -18.29 8.66
CA GLY F 44 45.68 -17.35 8.94
C GLY F 44 44.30 -17.89 8.57
N LEU F 45 43.36 -16.94 8.45
CA LEU F 45 41.96 -17.28 8.20
C LEU F 45 41.69 -17.36 6.71
N GLU F 46 40.96 -18.39 6.31
CA GLU F 46 40.59 -18.61 4.91
C GLU F 46 39.10 -18.87 4.83
N TRP F 47 38.43 -18.14 3.95
CA TRP F 47 36.99 -18.28 3.78
C TRP F 47 36.68 -19.48 2.91
N VAL F 48 35.74 -20.30 3.37
CA VAL F 48 35.39 -21.57 2.71
C VAL F 48 34.07 -21.47 1.96
N ALA F 49 32.98 -21.18 2.67
CA ALA F 49 31.68 -21.25 2.02
C ALA F 49 30.73 -20.23 2.64
N TYR F 50 29.67 -19.92 1.89
CA TYR F 50 28.62 -19.02 2.34
C TYR F 50 27.27 -19.47 1.81
N ILE F 51 26.28 -19.55 2.69
CA ILE F 51 24.90 -19.84 2.32
C ILE F 51 24.00 -18.77 2.95
N SER F 52 23.23 -18.09 2.13
CA SER F 52 22.46 -16.94 2.59
C SER F 52 21.14 -17.38 3.22
N SER F 53 20.47 -16.42 3.85
CA SER F 53 19.14 -16.66 4.39
C SER F 53 18.18 -17.00 3.26
N GLY F 54 17.41 -18.06 3.44
CA GLY F 54 16.57 -18.58 2.38
C GLY F 54 17.28 -19.56 1.46
N SER F 55 18.56 -19.79 1.65
CA SER F 55 19.34 -20.72 0.83
C SER F 55 19.29 -20.33 -0.64
N GLY F 56 19.18 -19.03 -0.89
CA GLY F 56 19.08 -18.53 -2.26
C GLY F 56 20.42 -18.36 -2.95
N THR F 57 21.40 -17.79 -2.23
CA THR F 57 22.72 -17.53 -2.78
C THR F 57 23.75 -18.38 -2.04
N ILE F 58 24.51 -19.18 -2.78
CA ILE F 58 25.58 -19.99 -2.22
C ILE F 58 26.87 -19.65 -2.94
N TYR F 59 27.92 -19.39 -2.17
CA TYR F 59 29.23 -19.08 -2.72
C TYR F 59 30.26 -20.01 -2.10
N TYR F 60 31.26 -20.38 -2.91
CA TYR F 60 32.33 -21.27 -2.48
C TYR F 60 33.67 -20.64 -2.80
N ALA F 61 34.68 -21.03 -2.03
CA ALA F 61 36.05 -20.67 -2.35
C ALA F 61 36.56 -21.56 -3.47
N ASP F 62 37.44 -20.99 -4.30
CA ASP F 62 37.94 -21.74 -5.46
C ASP F 62 38.68 -23.00 -5.06
N THR F 63 39.24 -23.06 -3.86
CA THR F 63 40.00 -24.21 -3.41
C THR F 63 39.12 -25.37 -2.96
N VAL F 64 37.81 -25.14 -2.79
CA VAL F 64 36.89 -26.16 -2.32
C VAL F 64 35.75 -26.40 -3.28
N LYS F 65 35.56 -25.54 -4.28
CA LYS F 65 34.41 -25.63 -5.18
C LYS F 65 34.43 -26.98 -5.90
N GLY F 66 33.27 -27.64 -5.93
CA GLY F 66 33.14 -28.95 -6.52
C GLY F 66 33.35 -30.09 -5.55
N ARG F 67 33.96 -29.83 -4.39
CA ARG F 67 34.20 -30.84 -3.37
C ARG F 67 33.44 -30.61 -2.08
N PHE F 68 33.19 -29.34 -1.74
CA PHE F 68 32.43 -29.01 -0.54
C PHE F 68 31.01 -28.58 -0.91
N THR F 69 30.06 -28.94 -0.07
CA THR F 69 28.67 -28.53 -0.23
C THR F 69 28.18 -27.94 1.09
N ILE F 70 27.61 -26.74 1.04
CA ILE F 70 27.09 -26.06 2.22
C ILE F 70 25.57 -26.13 2.18
N SER F 71 24.96 -26.46 3.30
CA SER F 71 23.51 -26.53 3.41
C SER F 71 23.09 -26.09 4.80
N ARG F 72 21.80 -25.82 4.95
CA ARG F 72 21.27 -25.41 6.24
C ARG F 72 19.90 -26.03 6.46
N ASP F 73 19.67 -26.49 7.68
CA ASP F 73 18.37 -27.03 8.12
C ASP F 73 17.84 -26.04 9.17
N ASP F 74 16.99 -25.12 8.71
CA ASP F 74 16.49 -24.07 9.61
C ASP F 74 15.67 -24.64 10.76
N PRO F 75 14.67 -25.50 10.54
CA PRO F 75 13.85 -25.95 11.67
C PRO F 75 14.64 -26.64 12.76
N LYS F 76 15.73 -27.33 12.44
CA LYS F 76 16.64 -27.89 13.43
C LYS F 76 17.78 -26.93 13.78
N ASN F 77 17.82 -25.76 13.15
CA ASN F 77 18.86 -24.77 13.40
C ASN F 77 20.25 -25.39 13.29
N THR F 78 20.54 -25.99 12.13
CA THR F 78 21.82 -26.64 11.90
C THR F 78 22.40 -26.15 10.58
N LEU F 79 23.72 -26.09 10.51
CA LEU F 79 24.43 -25.76 9.28
C LEU F 79 25.42 -26.89 8.96
N PHE F 80 25.30 -27.45 7.77
CA PHE F 80 26.10 -28.60 7.37
C PHE F 80 27.09 -28.22 6.28
N LEU F 81 28.29 -28.79 6.39
CA LEU F 81 29.31 -28.71 5.35
C LEU F 81 29.73 -30.13 5.04
N GLN F 82 29.42 -30.61 3.85
CA GLN F 82 29.76 -31.96 3.40
C GLN F 82 31.01 -31.86 2.54
N MET F 83 32.07 -32.56 2.95
CA MET F 83 33.36 -32.51 2.28
C MET F 83 33.65 -33.87 1.67
N THR F 84 34.00 -33.87 0.39
CA THR F 84 34.36 -35.08 -0.34
C THR F 84 35.70 -34.85 -1.01
N SER F 85 36.40 -35.95 -1.30
CA SER F 85 37.73 -35.89 -1.91
C SER F 85 38.66 -35.03 -1.07
N LEU F 86 38.80 -35.41 0.20
CA LEU F 86 39.61 -34.64 1.14
C LEU F 86 41.09 -34.77 0.82
N ARG F 87 41.82 -33.67 0.99
CA ARG F 87 43.25 -33.60 0.78
C ARG F 87 43.95 -33.24 2.09
N SER F 88 45.28 -33.16 2.02
CA SER F 88 46.04 -32.76 3.20
C SER F 88 45.92 -31.26 3.46
N GLU F 89 45.63 -30.48 2.42
CA GLU F 89 45.47 -29.03 2.58
C GLU F 89 44.16 -28.67 3.26
N ASP F 90 43.26 -29.62 3.44
CA ASP F 90 42.00 -29.38 4.13
C ASP F 90 42.13 -29.52 5.64
N THR F 91 43.32 -29.83 6.15
CA THR F 91 43.54 -29.90 7.60
C THR F 91 43.46 -28.51 8.20
N ALA F 92 42.51 -28.30 9.10
CA ALA F 92 42.30 -26.97 9.63
C ALA F 92 41.22 -26.98 10.71
N MET F 93 41.08 -25.84 11.38
CA MET F 93 39.99 -25.60 12.30
C MET F 93 38.90 -24.82 11.57
N TYR F 94 37.70 -25.37 11.55
CA TYR F 94 36.58 -24.81 10.80
C TYR F 94 35.66 -24.08 11.76
N TYR F 95 35.40 -22.81 11.47
CA TYR F 95 34.51 -21.96 12.25
C TYR F 95 33.26 -21.62 11.45
N CYS F 96 32.13 -21.60 12.14
CA CYS F 96 30.86 -21.16 11.57
C CYS F 96 30.58 -19.75 12.04
N VAL F 97 30.26 -18.86 11.11
CA VAL F 97 30.10 -17.44 11.39
C VAL F 97 28.75 -16.98 10.87
N ARG F 98 28.05 -16.20 11.68
CA ARG F 98 26.76 -15.65 11.28
C ARG F 98 26.94 -14.27 10.70
N SER F 99 26.07 -13.91 9.76
CA SER F 99 26.17 -12.63 9.07
C SER F 99 24.78 -12.22 8.61
N ILE F 100 24.41 -10.98 8.91
CA ILE F 100 23.10 -10.44 8.54
C ILE F 100 23.35 -9.15 7.77
N TYR F 101 22.65 -8.99 6.65
CA TYR F 101 22.89 -7.88 5.72
C TYR F 101 21.64 -7.03 5.60
N TYR F 102 21.72 -5.81 6.11
CA TYR F 102 20.73 -4.77 5.87
C TYR F 102 21.40 -3.44 6.20
N TYR F 103 20.75 -2.35 5.82
CA TYR F 103 21.34 -1.04 6.03
C TYR F 103 21.68 -0.83 7.49
N GLY F 104 22.98 -0.66 7.76
CA GLY F 104 23.46 -0.47 9.12
C GLY F 104 23.73 -1.75 9.88
N SER F 105 23.84 -2.88 9.21
CA SER F 105 24.06 -4.15 9.88
C SER F 105 25.54 -4.32 10.25
N SER F 106 25.81 -5.38 11.01
CA SER F 106 27.15 -5.72 11.48
C SER F 106 27.44 -7.17 11.14
N PRO F 107 27.76 -7.48 9.88
CA PRO F 107 28.03 -8.88 9.52
C PRO F 107 29.30 -9.40 10.17
N PHE F 108 29.38 -10.72 10.25
CA PHE F 108 30.51 -11.41 10.88
C PHE F 108 30.61 -11.09 12.37
N ASP F 109 29.47 -10.86 13.02
CA ASP F 109 29.49 -10.40 14.40
C ASP F 109 29.81 -11.51 15.39
N PHE F 110 29.37 -12.73 15.14
CA PHE F 110 29.56 -13.83 16.08
C PHE F 110 30.24 -15.00 15.38
N TRP F 111 31.27 -15.55 16.02
CA TRP F 111 31.97 -16.73 15.56
C TRP F 111 31.78 -17.85 16.57
N GLY F 112 31.81 -19.09 16.10
CA GLY F 112 31.74 -20.25 16.96
C GLY F 112 33.12 -20.82 17.24
N GLN F 113 33.15 -21.76 18.18
CA GLN F 113 34.36 -22.52 18.48
C GLN F 113 34.43 -23.65 17.47
N GLY F 114 35.47 -23.63 16.64
CA GLY F 114 35.50 -24.48 15.47
C GLY F 114 35.81 -25.92 15.79
N THR F 115 35.77 -26.74 14.74
CA THR F 115 36.11 -28.15 14.82
C THR F 115 37.41 -28.41 14.08
N THR F 116 38.22 -29.29 14.66
CA THR F 116 39.51 -29.65 14.10
C THR F 116 39.33 -30.81 13.14
N LEU F 117 39.80 -30.62 11.91
CA LEU F 117 39.81 -31.67 10.90
C LEU F 117 41.27 -31.94 10.53
N THR F 118 41.71 -33.18 10.74
CA THR F 118 43.05 -33.62 10.41
C THR F 118 42.95 -34.72 9.36
N VAL F 119 43.76 -34.59 8.30
CA VAL F 119 43.76 -35.54 7.20
C VAL F 119 45.18 -36.08 7.06
N SER F 120 45.31 -37.39 7.06
CA SER F 120 46.62 -38.03 6.94
C SER F 120 47.14 -37.93 5.50
N SER F 136 40.27 -10.37 -10.41
CA SER F 136 40.63 -11.53 -9.61
C SER F 136 40.46 -11.23 -8.13
N ASP F 137 40.93 -12.16 -7.29
CA ASP F 137 40.80 -11.98 -5.85
C ASP F 137 41.62 -10.78 -5.37
N ILE F 138 41.05 -10.02 -4.46
CA ILE F 138 41.70 -8.86 -3.89
C ILE F 138 42.69 -9.36 -2.84
N VAL F 139 43.93 -8.88 -2.92
CA VAL F 139 44.99 -9.31 -2.02
C VAL F 139 45.07 -8.35 -0.85
N MET F 140 44.94 -8.87 0.36
CA MET F 140 45.06 -8.09 1.58
C MET F 140 46.46 -8.30 2.15
N THR F 141 47.17 -7.20 2.36
CA THR F 141 48.58 -7.23 2.76
C THR F 141 48.72 -6.60 4.14
N GLN F 142 49.25 -7.38 5.07
CA GLN F 142 49.61 -6.87 6.39
C GLN F 142 51.07 -6.44 6.39
N ALA F 143 51.32 -5.20 6.80
CA ALA F 143 52.67 -4.64 6.69
C ALA F 143 53.67 -5.45 7.51
N THR F 144 53.28 -5.83 8.74
CA THR F 144 54.20 -6.52 9.64
C THR F 144 53.49 -7.72 10.25
N SER F 145 54.27 -8.78 10.49
CA SER F 145 53.75 -10.00 11.06
C SER F 145 53.87 -10.08 12.57
N SER F 146 54.48 -9.08 13.20
CA SER F 146 54.60 -9.06 14.65
C SER F 146 55.02 -7.67 15.09
N VAL F 147 54.52 -7.24 16.25
CA VAL F 147 54.81 -5.91 16.78
C VAL F 147 54.86 -5.98 18.30
N PRO F 148 56.03 -6.01 18.92
CA PRO F 148 56.08 -6.04 20.40
C PRO F 148 55.50 -4.77 21.01
N VAL F 149 54.84 -4.93 22.15
CA VAL F 149 54.25 -3.81 22.85
C VAL F 149 54.61 -3.88 24.33
N PRO F 151 51.69 -2.32 27.26
CA PRO F 151 50.64 -1.92 28.20
C PRO F 151 50.56 -0.41 28.37
N GLY F 152 49.43 0.18 28.03
CA GLY F 152 49.27 1.61 28.05
C GLY F 152 49.81 2.33 26.84
N GLU F 153 50.33 1.61 25.85
CA GLU F 153 50.90 2.21 24.65
C GLU F 153 49.90 2.20 23.51
N SER F 154 50.03 3.18 22.62
CA SER F 154 49.21 3.26 21.42
C SER F 154 49.86 2.44 20.31
N VAL F 155 49.02 1.72 19.57
CA VAL F 155 49.48 0.82 18.51
C VAL F 155 48.70 1.13 17.24
N SER F 156 49.36 0.97 16.10
CA SER F 156 48.74 1.18 14.80
C SER F 156 49.08 -0.01 13.92
N ILE F 157 48.05 -0.65 13.36
CA ILE F 157 48.20 -1.81 12.49
C ILE F 157 47.71 -1.44 11.11
N SER F 158 48.55 -1.63 10.10
CA SER F 158 48.28 -1.19 8.75
C SER F 158 47.87 -2.36 7.87
N CYS F 159 47.05 -2.07 6.86
CA CYS F 159 46.54 -3.07 5.93
C CYS F 159 46.39 -2.41 4.57
N ARG F 160 46.75 -3.15 3.52
CA ARG F 160 46.64 -2.67 2.15
C ARG F 160 45.81 -3.66 1.34
N SER F 161 45.24 -3.17 0.24
CA SER F 161 44.45 -4.00 -0.67
C SER F 161 44.90 -3.77 -2.10
N SER F 162 44.79 -4.82 -2.92
CA SER F 162 45.13 -4.70 -4.33
C SER F 162 44.18 -3.76 -5.07
N LYS F 163 42.93 -3.67 -4.62
CA LYS F 163 41.93 -2.82 -5.26
C LYS F 163 41.27 -1.93 -4.21
N SER F 164 40.94 -0.71 -4.61
CA SER F 164 40.27 0.22 -3.71
C SER F 164 38.96 -0.37 -3.21
N LEU F 165 38.73 -0.29 -1.90
CA LEU F 165 37.55 -0.85 -1.27
C LEU F 165 36.43 0.17 -1.13
N LEU F 166 36.61 1.38 -1.63
CA LEU F 166 35.60 2.44 -1.54
C LEU F 166 34.63 2.26 -2.69
N HIS F 167 33.43 1.76 -2.40
CA HIS F 167 32.42 1.55 -3.41
C HIS F 167 31.71 2.86 -3.73
N SER F 168 31.07 2.89 -4.89
CA SER F 168 30.42 4.12 -5.35
C SER F 168 29.31 4.58 -4.41
N ASN F 169 28.78 3.68 -3.59
CA ASN F 169 27.73 4.03 -2.64
C ASN F 169 28.27 4.71 -1.39
N GLY F 170 29.58 4.82 -1.24
CA GLY F 170 30.19 5.50 -0.11
C GLY F 170 30.70 4.58 0.99
N ASN F 171 30.41 3.29 0.91
CA ASN F 171 30.85 2.35 1.92
C ASN F 171 32.22 1.78 1.56
N THR F 172 33.11 1.73 2.55
CA THR F 172 34.41 1.08 2.40
C THR F 172 34.35 -0.23 3.17
N TYR F 173 34.42 -1.34 2.43
CA TYR F 173 34.16 -2.66 3.00
C TYR F 173 35.47 -3.28 3.49
N LEU F 174 35.86 -2.83 4.69
CA LEU F 174 36.99 -3.40 5.40
C LEU F 174 36.55 -3.76 6.82
N TYR F 175 36.98 -4.94 7.27
CA TYR F 175 36.61 -5.46 8.57
C TYR F 175 37.87 -5.84 9.34
N TRP F 176 37.86 -5.56 10.64
CA TRP F 176 38.96 -5.87 11.54
C TRP F 176 38.49 -6.83 12.61
N PHE F 177 39.20 -7.97 12.69
CA PHE F 177 38.93 -9.05 13.64
C PHE F 177 40.14 -9.27 14.53
N LEU F 178 39.89 -9.76 15.74
CA LEU F 178 40.94 -10.12 16.68
C LEU F 178 40.75 -11.56 17.13
N GLN F 179 41.82 -12.35 17.01
CA GLN F 179 41.86 -13.72 17.52
C GLN F 179 42.86 -13.77 18.65
N ARG F 180 42.36 -13.95 19.87
CA ARG F 180 43.20 -14.10 21.04
C ARG F 180 43.67 -15.55 21.16
N PRO F 181 44.72 -15.79 21.95
CA PRO F 181 45.22 -17.15 22.09
C PRO F 181 44.13 -18.12 22.52
N GLY F 182 43.90 -19.14 21.70
CA GLY F 182 42.95 -20.19 22.03
C GLY F 182 41.50 -19.82 21.89
N GLN F 183 41.18 -18.75 21.17
CA GLN F 183 39.81 -18.29 21.01
C GLN F 183 39.49 -18.05 19.53
N SER F 184 38.21 -18.07 19.21
CA SER F 184 37.74 -17.79 17.87
C SER F 184 37.80 -16.30 17.59
N PRO F 185 37.96 -15.90 16.32
CA PRO F 185 38.02 -14.47 16.01
C PRO F 185 36.76 -13.74 16.42
N GLN F 186 36.92 -12.49 16.83
CA GLN F 186 35.80 -11.64 17.19
C GLN F 186 35.86 -10.35 16.39
N LEU F 187 34.68 -9.83 16.06
CA LEU F 187 34.58 -8.64 15.24
C LEU F 187 34.92 -7.40 16.07
N LEU F 188 35.85 -6.59 15.56
CA LEU F 188 36.22 -5.33 16.17
C LEU F 188 35.67 -4.13 15.41
N ILE F 189 35.91 -4.07 14.10
CA ILE F 189 35.46 -2.93 13.30
C ILE F 189 34.85 -3.43 12.01
N TYR F 190 33.76 -2.81 11.57
CA TYR F 190 33.16 -3.13 10.29
C TYR F 190 33.01 -1.88 9.44
N ARG F 191 33.26 -2.07 8.14
CA ARG F 191 33.22 -0.99 7.14
C ARG F 191 34.17 0.14 7.51
N MET F 192 35.33 -0.23 8.05
CA MET F 192 36.50 0.62 8.12
C MET F 192 36.42 1.71 9.19
N SER F 193 35.24 1.95 9.75
CA SER F 193 35.08 3.02 10.73
C SER F 193 34.15 2.66 11.88
N ASN F 194 33.35 1.61 11.76
CA ASN F 194 32.27 1.37 12.69
C ASN F 194 32.72 0.38 13.76
N LEU F 195 32.61 0.78 15.02
CA LEU F 195 33.06 -0.06 16.12
C LEU F 195 31.95 -1.04 16.51
N ALA F 196 32.30 -2.32 16.55
CA ALA F 196 31.32 -3.35 16.80
C ALA F 196 30.78 -3.26 18.23
N SER F 197 29.53 -3.69 18.40
CA SER F 197 28.94 -3.70 19.73
C SER F 197 29.70 -4.66 20.64
N GLY F 198 29.99 -4.19 21.85
CA GLY F 198 30.75 -4.98 22.80
C GLY F 198 32.24 -4.75 22.77
N VAL F 199 32.72 -3.76 22.05
CA VAL F 199 34.14 -3.44 21.95
C VAL F 199 34.37 -2.09 22.59
N PRO F 200 35.37 -1.94 23.46
CA PRO F 200 35.64 -0.63 24.05
C PRO F 200 36.08 0.38 23.00
N ASP F 201 35.81 1.65 23.29
CA ASP F 201 36.12 2.75 22.37
C ASP F 201 37.60 2.97 22.19
N ARG F 202 38.47 2.19 22.82
CA ARG F 202 39.90 2.33 22.58
C ARG F 202 40.26 2.05 21.13
N PHE F 203 39.53 1.17 20.47
CA PHE F 203 39.81 0.80 19.09
C PHE F 203 39.21 1.83 18.13
N SER F 204 39.94 2.13 17.07
CA SER F 204 39.49 3.05 16.05
C SER F 204 39.96 2.56 14.69
N GLY F 205 39.17 2.84 13.65
CA GLY F 205 39.52 2.46 12.30
C GLY F 205 39.49 3.68 11.40
N SER F 206 40.52 3.81 10.56
CA SER F 206 40.62 4.97 9.69
C SER F 206 41.32 4.54 8.40
N GLY F 207 41.35 5.44 7.42
CA GLY F 207 42.10 5.18 6.21
C GLY F 207 41.47 5.77 4.96
N SER F 208 41.92 5.27 3.81
CA SER F 208 41.38 5.63 2.51
C SER F 208 41.53 4.40 1.62
N GLY F 209 41.04 4.49 0.39
CA GLY F 209 41.09 3.35 -0.50
C GLY F 209 42.49 2.76 -0.59
N THR F 210 42.61 1.48 -0.31
CA THR F 210 43.85 0.69 -0.41
C THR F 210 44.80 0.89 0.76
N ALA F 211 44.46 1.72 1.76
CA ALA F 211 45.36 1.96 2.89
C ALA F 211 44.51 2.17 4.14
N PHE F 212 44.56 1.23 5.06
CA PHE F 212 43.69 1.25 6.23
C PHE F 212 44.50 1.01 7.50
N THR F 213 44.04 1.61 8.60
CA THR F 213 44.76 1.59 9.86
C THR F 213 43.79 1.31 11.00
N LEU F 214 44.23 0.44 11.90
CA LEU F 214 43.55 0.18 13.16
C LEU F 214 44.40 0.76 14.28
N THR F 215 43.83 1.67 15.05
CA THR F 215 44.52 2.31 16.16
C THR F 215 43.96 1.78 17.47
N ILE F 216 44.84 1.22 18.30
CA ILE F 216 44.49 0.74 19.63
C ILE F 216 45.14 1.69 20.62
N SER F 217 44.31 2.47 21.32
CA SER F 217 44.81 3.49 22.23
C SER F 217 44.83 2.94 23.65
N ARG F 218 45.96 3.14 24.33
CA ARG F 218 46.17 2.60 25.67
C ARG F 218 46.02 1.08 25.66
N LEU F 219 46.92 0.43 24.92
CA LEU F 219 46.88 -1.02 24.78
C LEU F 219 46.96 -1.68 26.15
N GLU F 220 46.18 -2.73 26.33
CA GLU F 220 46.09 -3.44 27.59
C GLU F 220 46.22 -4.94 27.35
N ALA F 221 46.22 -5.70 28.44
CA ALA F 221 46.09 -7.14 28.33
C ALA F 221 44.72 -7.49 27.76
N GLU F 222 44.64 -8.63 27.08
CA GLU F 222 43.48 -9.08 26.32
C GLU F 222 43.33 -8.35 24.99
N ASP F 223 44.16 -7.34 24.73
CA ASP F 223 44.33 -6.78 23.40
C ASP F 223 45.43 -7.49 22.63
N VAL F 224 46.01 -8.54 23.21
CA VAL F 224 47.14 -9.24 22.64
C VAL F 224 46.59 -10.40 21.81
N GLY F 225 46.97 -10.46 20.54
CA GLY F 225 46.52 -11.52 19.67
C GLY F 225 46.87 -11.23 18.23
N VAL F 226 46.21 -11.95 17.34
CA VAL F 226 46.43 -11.79 15.91
C VAL F 226 45.27 -10.98 15.35
N TYR F 227 45.61 -9.89 14.65
CA TYR F 227 44.63 -8.99 14.08
C TYR F 227 44.54 -9.23 12.58
N TYR F 228 43.32 -9.39 12.07
CA TYR F 228 43.09 -9.69 10.68
C TYR F 228 42.23 -8.60 10.04
N CYS F 229 42.61 -8.22 8.82
CA CYS F 229 41.80 -7.33 7.99
C CYS F 229 41.22 -8.11 6.82
N MET F 230 39.92 -7.92 6.59
CA MET F 230 39.18 -8.66 5.60
C MET F 230 38.41 -7.70 4.71
N GLN F 231 38.22 -8.10 3.46
CA GLN F 231 37.45 -7.32 2.50
C GLN F 231 36.12 -8.02 2.24
N HIS F 232 35.03 -7.26 2.30
CA HIS F 232 33.70 -7.75 1.95
C HIS F 232 33.15 -7.00 0.75
N LEU F 233 34.04 -6.49 -0.11
CA LEU F 233 33.61 -5.79 -1.32
C LEU F 233 33.06 -6.78 -2.35
N GLU F 234 33.74 -7.90 -2.54
CA GLU F 234 33.32 -8.88 -3.53
C GLU F 234 33.91 -10.23 -3.18
N TYR F 235 33.23 -11.27 -3.60
CA TYR F 235 33.69 -12.62 -3.30
C TYR F 235 34.80 -13.04 -4.26
N PRO F 236 35.70 -13.94 -3.84
CA PRO F 236 35.77 -14.58 -2.53
C PRO F 236 36.31 -13.65 -1.45
N LEU F 237 35.88 -13.82 -0.20
CA LEU F 237 36.37 -12.98 0.89
C LEU F 237 37.80 -13.36 1.22
N THR F 238 38.66 -12.35 1.33
CA THR F 238 40.09 -12.54 1.49
C THR F 238 40.56 -11.88 2.78
N PHE F 239 41.43 -12.56 3.50
CA PHE F 239 42.00 -12.10 4.75
C PHE F 239 43.47 -11.73 4.58
N GLY F 240 43.99 -11.02 5.57
CA GLY F 240 45.42 -10.82 5.66
C GLY F 240 46.09 -11.93 6.44
N ALA F 241 47.42 -11.98 6.32
CA ALA F 241 48.18 -13.03 6.99
C ALA F 241 48.08 -12.91 8.51
N GLY F 242 47.76 -11.72 9.01
CA GLY F 242 47.65 -11.50 10.44
C GLY F 242 48.82 -10.73 11.03
N THR F 243 48.51 -9.71 11.82
CA THR F 243 49.51 -8.96 12.58
C THR F 243 49.39 -9.37 14.04
N LYS F 244 50.51 -9.76 14.64
CA LYS F 244 50.50 -10.26 16.01
C LYS F 244 51.10 -9.24 16.96
N LEU F 245 50.31 -8.82 17.94
CA LEU F 245 50.79 -7.96 19.01
C LEU F 245 51.17 -8.83 20.21
N GLU F 246 52.35 -8.56 20.76
CA GLU F 246 52.87 -9.36 21.85
C GLU F 246 53.50 -8.44 22.89
N LEU F 247 53.48 -8.91 24.14
CA LEU F 247 54.05 -8.15 25.25
C LEU F 247 55.50 -8.57 25.50
#